data_7N4Z
#
_entry.id   7N4Z
#
_cell.length_a   41.626
_cell.length_b   54.859
_cell.length_c   92.640
_cell.angle_alpha   74.140
_cell.angle_beta   81.820
_cell.angle_gamma   89.960
#
_symmetry.space_group_name_H-M   'P 1'
#
loop_
_entity.id
_entity.type
_entity.pdbx_description
1 polymer NOS4
2 non-polymer 'SULFATE ION'
3 non-polymer noscapine
4 water water
#
_entity_poly.entity_id   1
_entity_poly.type   'polypeptide(L)'
_entity_poly.pdbx_seq_one_letter_code
;MARPKSEDKKQALLEAATQAIAQSGIAASTAVIARNAGVAEGTLFRYFATKDELINTLYLHLTHDMCQSLIMELDRSITD
AKMMTRFIWNSYISWGLNHPARHRAIRQLAVSEKLTKETRQRARDMFPELRDLCYRSLLMVFMSDEYRAFGDGLFMALAE
TTMDFAARDPARAGEYIALGFEAMWRALTREEQ
;
_entity_poly.pdbx_strand_id   A,C,B,D
#
loop_
_chem_comp.id
_chem_comp.type
_chem_comp.name
_chem_comp.formula
08N non-polymer noscapine 'C22 H23 N O7'
SO4 non-polymer 'SULFATE ION' 'O4 S -2'
#
# COMPACT_ATOMS: atom_id res chain seq x y z
N LYS A 9 -24.14 16.16 -25.80
CA LYS A 9 -23.45 15.14 -26.63
C LYS A 9 -23.57 13.80 -25.89
N LYS A 10 -22.51 13.02 -25.90
CA LYS A 10 -22.44 11.83 -25.04
C LYS A 10 -22.50 12.30 -23.59
N GLN A 11 -22.08 13.54 -23.34
CA GLN A 11 -21.98 14.03 -21.95
C GLN A 11 -23.37 14.04 -21.33
N ALA A 12 -24.39 14.32 -22.15
CA ALA A 12 -25.76 14.36 -21.61
C ALA A 12 -26.16 12.94 -21.19
N LEU A 13 -25.75 11.95 -21.98
CA LEU A 13 -26.14 10.55 -21.70
C LEU A 13 -25.35 10.07 -20.48
N LEU A 14 -24.06 10.37 -20.45
CA LEU A 14 -23.21 9.97 -19.31
C LEU A 14 -23.74 10.61 -18.02
N GLU A 15 -24.12 11.87 -18.08
CA GLU A 15 -24.66 12.59 -16.92
C GLU A 15 -26.02 12.03 -16.56
N ALA A 16 -26.87 11.80 -17.55
CA ALA A 16 -28.19 11.21 -17.27
C ALA A 16 -28.03 9.83 -16.66
N ALA A 17 -27.02 9.10 -17.13
CA ALA A 17 -26.75 7.75 -16.59
C ALA A 17 -26.37 7.89 -15.13
N THR A 18 -25.51 8.85 -14.82
CA THR A 18 -25.07 9.10 -13.43
C THR A 18 -26.30 9.34 -12.57
N GLN A 19 -27.15 10.27 -12.97
CA GLN A 19 -28.32 10.61 -12.13
C GLN A 19 -29.21 9.38 -11.98
N ALA A 20 -29.43 8.65 -13.06
CA ALA A 20 -30.39 7.53 -13.05
C ALA A 20 -29.87 6.33 -12.26
N ILE A 21 -28.60 5.95 -12.47
CA ILE A 21 -28.03 4.81 -11.69
C ILE A 21 -27.93 5.19 -10.21
N ALA A 22 -27.72 6.45 -9.90
CA ALA A 22 -27.66 6.86 -8.50
C ALA A 22 -29.07 6.78 -7.91
N GLN A 23 -30.09 6.96 -8.74
CA GLN A 23 -31.47 7.00 -8.20
C GLN A 23 -32.12 5.62 -8.27
N SER A 24 -32.14 5.02 -9.45
CA SER A 24 -32.94 3.79 -9.67
C SER A 24 -32.00 2.60 -9.73
N GLY A 25 -30.73 2.81 -9.40
CA GLY A 25 -29.75 1.71 -9.35
C GLY A 25 -29.20 1.33 -10.70
N ILE A 26 -28.38 0.29 -10.75
CA ILE A 26 -27.86 -0.28 -12.01
C ILE A 26 -29.01 -0.89 -12.82
N ALA A 27 -30.16 -1.15 -12.18
CA ALA A 27 -31.38 -1.69 -12.83
C ALA A 27 -32.11 -0.63 -13.64
N ALA A 28 -31.61 0.60 -13.63
CA ALA A 28 -32.26 1.71 -14.32
C ALA A 28 -32.30 1.44 -15.82
N SER A 29 -33.39 1.80 -16.50
CA SER A 29 -33.59 1.46 -17.93
C SER A 29 -32.81 2.38 -18.86
N THR A 30 -32.46 1.90 -20.05
CA THR A 30 -31.75 2.69 -21.09
C THR A 30 -32.67 3.78 -21.61
N ALA A 31 -33.98 3.61 -21.50
CA ALA A 31 -34.92 4.55 -22.13
C ALA A 31 -34.99 5.86 -21.37
N VAL A 32 -35.15 5.78 -20.05
CA VAL A 32 -35.22 7.01 -19.20
C VAL A 32 -33.90 7.77 -19.23
N ILE A 33 -32.77 7.06 -19.20
CA ILE A 33 -31.43 7.71 -19.29
C ILE A 33 -31.43 8.57 -20.54
N ALA A 34 -31.79 7.95 -21.65
CA ALA A 34 -31.75 8.63 -22.94
C ALA A 34 -32.76 9.78 -22.90
N ARG A 35 -33.93 9.49 -22.34
CA ARG A 35 -35.04 10.48 -22.30
C ARG A 35 -34.72 11.64 -21.37
N ASN A 36 -34.04 11.39 -20.26
CA ASN A 36 -33.75 12.47 -19.29
C ASN A 36 -32.56 13.25 -19.81
N ALA A 37 -32.15 12.96 -21.03
CA ALA A 37 -31.00 13.67 -21.64
C ALA A 37 -31.49 14.26 -22.94
N GLY A 38 -32.75 13.99 -23.25
CA GLY A 38 -33.36 14.41 -24.54
C GLY A 38 -32.64 13.84 -25.74
N VAL A 39 -32.14 12.61 -25.65
CA VAL A 39 -31.57 11.90 -26.83
C VAL A 39 -32.35 10.60 -27.06
N ALA A 40 -32.37 10.12 -28.29
CA ALA A 40 -33.05 8.83 -28.54
C ALA A 40 -32.24 7.65 -28.01
N GLU A 41 -32.94 6.62 -27.54
CA GLU A 41 -32.32 5.38 -27.03
C GLU A 41 -31.42 4.82 -28.12
N GLY A 42 -31.84 4.96 -29.37
CA GLY A 42 -31.02 4.51 -30.51
C GLY A 42 -29.70 5.21 -30.51
N THR A 43 -29.74 6.52 -30.27
CA THR A 43 -28.49 7.32 -30.24
C THR A 43 -27.64 6.84 -29.07
N LEU A 44 -28.27 6.60 -27.92
CA LEU A 44 -27.54 6.04 -26.76
C LEU A 44 -26.91 4.74 -27.22
N PHE A 45 -27.67 3.93 -27.95
CA PHE A 45 -27.07 2.69 -28.42
C PHE A 45 -26.12 2.91 -29.59
N ARG A 46 -26.16 4.10 -30.21
CA ARG A 46 -25.16 4.43 -31.23
C ARG A 46 -23.82 4.77 -30.61
N TYR A 47 -23.82 5.24 -29.37
CA TYR A 47 -22.59 5.58 -28.66
C TYR A 47 -22.14 4.50 -27.69
N PHE A 48 -23.07 3.71 -27.15
CA PHE A 48 -22.75 2.59 -26.29
C PHE A 48 -23.51 1.37 -26.81
N ALA A 49 -22.77 0.41 -27.37
CA ALA A 49 -23.40 -0.72 -28.05
C ALA A 49 -24.25 -1.56 -27.10
N THR A 50 -23.89 -1.64 -25.83
CA THR A 50 -24.66 -2.37 -24.83
C THR A 50 -24.84 -1.51 -23.60
N LYS A 51 -25.81 -1.89 -22.76
CA LYS A 51 -25.88 -1.29 -21.44
C LYS A 51 -24.64 -1.59 -20.63
N ASP A 52 -24.02 -2.75 -20.86
CA ASP A 52 -22.77 -3.08 -20.18
C ASP A 52 -21.65 -2.15 -20.58
N GLU A 53 -21.52 -1.86 -21.89
CA GLU A 53 -20.53 -0.89 -22.34
C GLU A 53 -20.77 0.47 -21.71
N LEU A 54 -22.04 0.88 -21.60
CA LEU A 54 -22.36 2.14 -20.94
C LEU A 54 -21.90 2.13 -19.48
N ILE A 55 -22.10 1.01 -18.80
CA ILE A 55 -21.78 0.96 -17.37
C ILE A 55 -20.29 0.88 -17.12
N ASN A 56 -19.53 0.25 -18.04
CA ASN A 56 -18.09 0.20 -17.91
C ASN A 56 -17.44 1.54 -18.30
N THR A 57 -17.94 2.17 -19.36
CA THR A 57 -17.43 3.49 -19.72
C THR A 57 -17.76 4.53 -18.65
N LEU A 58 -18.99 4.50 -18.13
CA LEU A 58 -19.37 5.46 -17.10
C LEU A 58 -18.51 5.30 -15.86
N TYR A 59 -18.31 4.06 -15.41
CA TYR A 59 -17.44 3.82 -14.27
C TYR A 59 -16.05 4.38 -14.50
N LEU A 60 -15.51 4.20 -15.71
CA LEU A 60 -14.22 4.79 -16.04
C LEU A 60 -14.25 6.31 -15.94
N HIS A 61 -15.24 6.94 -16.56
CA HIS A 61 -15.33 8.40 -16.53
C HIS A 61 -15.55 8.90 -15.11
N LEU A 62 -16.39 8.22 -14.33
CA LEU A 62 -16.67 8.66 -12.98
C LEU A 62 -15.46 8.45 -12.07
N THR A 63 -14.74 7.35 -12.23
CA THR A 63 -13.53 7.14 -11.45
C THR A 63 -12.45 8.14 -11.83
N HIS A 64 -12.36 8.52 -13.11
CA HIS A 64 -11.40 9.53 -13.52
C HIS A 64 -11.72 10.89 -12.92
N ASP A 65 -13.00 11.26 -12.89
CA ASP A 65 -13.40 12.53 -12.28
C ASP A 65 -13.06 12.53 -10.79
N MET A 66 -13.22 11.39 -10.13
CA MET A 66 -13.00 11.35 -8.70
C MET A 66 -11.52 11.26 -8.36
N CYS A 67 -10.76 10.46 -9.11
CA CYS A 67 -9.34 10.33 -8.81
C CYS A 67 -8.60 11.63 -9.06
N GLN A 68 -8.92 12.33 -10.16
CA GLN A 68 -8.24 13.59 -10.45
C GLN A 68 -8.54 14.65 -9.40
N SER A 69 -9.77 14.69 -8.89
CA SER A 69 -10.07 15.59 -7.78
C SER A 69 -9.28 15.21 -6.54
N LEU A 70 -9.02 13.92 -6.34
CA LEU A 70 -8.16 13.46 -5.25
C LEU A 70 -6.73 13.97 -5.41
N ILE A 71 -6.16 13.84 -6.61
CA ILE A 71 -4.79 14.30 -6.81
C ILE A 71 -4.68 15.80 -6.99
N MET A 72 -5.77 16.48 -7.38
CA MET A 72 -5.72 17.93 -7.50
C MET A 72 -5.51 18.59 -6.15
N GLU A 73 -5.87 17.91 -5.07
CA GLU A 73 -5.83 18.47 -3.72
C GLU A 73 -4.73 17.89 -2.87
N LEU A 74 -3.88 17.03 -3.43
CA LEU A 74 -2.82 16.44 -2.65
C LEU A 74 -1.74 17.46 -2.33
N ASP A 75 -1.08 17.26 -1.20
CA ASP A 75 0.07 18.05 -0.76
C ASP A 75 1.26 17.10 -0.78
N ARG A 76 2.18 17.29 -1.72
CA ARG A 76 3.29 16.36 -1.89
C ARG A 76 4.26 16.38 -0.71
N SER A 77 4.09 17.27 0.25
CA SER A 77 4.94 17.28 1.43
C SER A 77 4.42 16.41 2.57
N ILE A 78 3.21 15.87 2.44
CA ILE A 78 2.64 15.00 3.48
C ILE A 78 3.24 13.62 3.29
N THR A 79 4.29 13.30 4.06
CA THR A 79 5.02 12.05 3.90
C THR A 79 4.60 10.98 4.90
N ASP A 80 3.78 11.32 5.89
CA ASP A 80 3.25 10.33 6.81
C ASP A 80 2.13 9.55 6.13
N ALA A 81 2.19 8.22 6.23
CA ALA A 81 1.21 7.39 5.52
C ALA A 81 -0.20 7.61 6.04
N LYS A 82 -0.35 7.71 7.37
CA LYS A 82 -1.68 7.88 7.94
C LYS A 82 -2.23 9.28 7.66
N MET A 83 -1.40 10.31 7.84
CA MET A 83 -1.82 11.67 7.54
C MET A 83 -2.13 11.84 6.06
N MET A 84 -1.29 11.28 5.20
CA MET A 84 -1.59 11.31 3.77
C MET A 84 -2.92 10.66 3.47
N THR A 85 -3.23 9.54 4.14
CA THR A 85 -4.51 8.89 3.94
C THR A 85 -5.66 9.77 4.43
N ARG A 86 -5.45 10.51 5.53
CA ARG A 86 -6.50 11.39 6.04
C ARG A 86 -6.77 12.54 5.08
N PHE A 87 -5.73 13.05 4.42
CA PHE A 87 -5.94 14.05 3.37
C PHE A 87 -6.79 13.48 2.25
N ILE A 88 -6.49 12.25 1.82
CA ILE A 88 -7.25 11.63 0.74
C ILE A 88 -8.67 11.33 1.17
N TRP A 89 -8.85 10.95 2.44
CA TRP A 89 -10.18 10.80 3.01
C TRP A 89 -10.94 12.12 2.97
N ASN A 90 -10.29 13.22 3.37
CA ASN A 90 -10.94 14.52 3.33
C ASN A 90 -11.36 14.88 1.91
N SER A 91 -10.48 14.61 0.94
CA SER A 91 -10.80 14.90 -0.45
C SER A 91 -12.00 14.09 -0.92
N TYR A 92 -12.02 12.79 -0.61
CA TYR A 92 -13.11 11.92 -1.07
C TYR A 92 -14.44 12.34 -0.47
N ILE A 93 -14.47 12.63 0.84
CA ILE A 93 -15.69 13.11 1.47
C ILE A 93 -16.14 14.41 0.83
N SER A 94 -15.20 15.33 0.63
CA SER A 94 -15.52 16.60 -0.01
C SER A 94 -16.04 16.38 -1.43
N TRP A 95 -15.36 15.51 -2.19
CA TRP A 95 -15.82 15.22 -3.55
C TRP A 95 -17.22 14.61 -3.55
N GLY A 96 -17.55 13.82 -2.53
CA GLY A 96 -18.88 13.20 -2.49
C GLY A 96 -19.98 14.16 -2.10
N LEU A 97 -19.68 15.13 -1.23
CA LEU A 97 -20.68 16.13 -0.86
C LEU A 97 -20.96 17.11 -1.99
N ASN A 98 -19.94 17.43 -2.80
CA ASN A 98 -20.16 18.33 -3.93
C ASN A 98 -20.81 17.64 -5.11
N HIS A 99 -20.71 16.31 -5.20
CA HIS A 99 -21.32 15.54 -6.28
C HIS A 99 -21.95 14.28 -5.70
N PRO A 100 -23.10 14.41 -5.05
CA PRO A 100 -23.72 13.22 -4.45
C PRO A 100 -24.23 12.22 -5.46
N ALA A 101 -24.56 12.66 -6.68
CA ALA A 101 -25.04 11.73 -7.70
C ALA A 101 -23.88 10.92 -8.27
N ARG A 102 -22.75 11.57 -8.54
CA ARG A 102 -21.58 10.85 -9.04
C ARG A 102 -21.08 9.85 -8.01
N HIS A 103 -21.11 10.21 -6.73
CA HIS A 103 -20.65 9.31 -5.68
C HIS A 103 -21.62 8.14 -5.51
N ARG A 104 -22.92 8.45 -5.42
CA ARG A 104 -23.92 7.37 -5.29
C ARG A 104 -23.87 6.44 -6.49
N ALA A 105 -23.61 6.99 -7.68
CA ALA A 105 -23.51 6.16 -8.88
C ALA A 105 -22.26 5.28 -8.87
N ILE A 106 -21.15 5.78 -8.30
CA ILE A 106 -19.92 5.01 -8.31
C ILE A 106 -20.01 3.79 -7.42
N ARG A 107 -20.81 3.85 -6.36
CA ARG A 107 -20.89 2.71 -5.44
C ARG A 107 -21.62 1.54 -6.08
N GLN A 108 -22.75 1.82 -6.74
CA GLN A 108 -23.52 0.76 -7.37
C GLN A 108 -22.79 0.18 -8.57
N LEU A 109 -22.07 1.01 -9.33
CA LEU A 109 -21.36 0.51 -10.50
C LEU A 109 -20.18 -0.38 -10.08
N ALA A 110 -19.50 -0.02 -8.99
CA ALA A 110 -18.28 -0.73 -8.60
C ALA A 110 -18.58 -2.11 -8.04
N VAL A 111 -19.75 -2.30 -7.43
CA VAL A 111 -20.12 -3.56 -6.80
C VAL A 111 -20.97 -4.43 -7.72
N SER A 112 -21.30 -3.95 -8.92
CA SER A 112 -22.19 -4.69 -9.80
C SER A 112 -21.45 -5.79 -10.55
N GLU A 113 -22.23 -6.75 -11.05
CA GLU A 113 -21.66 -7.91 -11.71
C GLU A 113 -21.11 -7.57 -13.10
N LYS A 114 -21.73 -6.63 -13.79
CA LYS A 114 -21.46 -6.45 -15.22
C LYS A 114 -20.22 -5.61 -15.51
N LEU A 115 -19.48 -5.18 -14.49
CA LEU A 115 -18.27 -4.40 -14.69
C LEU A 115 -17.08 -5.34 -14.89
N THR A 116 -16.52 -5.35 -16.09
CA THR A 116 -15.36 -6.21 -16.36
C THR A 116 -14.18 -5.81 -15.49
N LYS A 117 -13.41 -6.81 -15.07
CA LYS A 117 -12.28 -6.51 -14.18
C LYS A 117 -11.10 -5.94 -14.94
N GLU A 118 -11.08 -6.05 -16.27
CA GLU A 118 -10.17 -5.23 -17.06
C GLU A 118 -10.52 -3.75 -16.94
N THR A 119 -11.81 -3.43 -16.78
CA THR A 119 -12.23 -2.05 -16.64
C THR A 119 -11.78 -1.48 -15.30
N ARG A 120 -12.09 -2.18 -14.20
CA ARG A 120 -11.76 -1.65 -12.88
C ARG A 120 -10.25 -1.71 -12.63
N GLN A 121 -9.54 -2.65 -13.24
CA GLN A 121 -8.09 -2.60 -13.19
C GLN A 121 -7.56 -1.37 -13.90
N ARG A 122 -8.14 -1.05 -15.07
CA ARG A 122 -7.77 0.18 -15.77
C ARG A 122 -8.16 1.41 -14.95
N ALA A 123 -9.20 1.30 -14.13
CA ALA A 123 -9.58 2.42 -13.26
C ALA A 123 -8.53 2.70 -12.20
N ARG A 124 -7.88 1.66 -11.68
CA ARG A 124 -6.87 1.88 -10.65
C ARG A 124 -5.51 2.25 -11.24
N ASP A 125 -5.25 1.86 -12.49
CA ASP A 125 -3.93 2.06 -13.08
C ASP A 125 -3.81 3.36 -13.86
N MET A 126 -4.90 4.13 -14.00
CA MET A 126 -4.80 5.44 -14.63
C MET A 126 -4.20 6.47 -13.70
N PHE A 127 -4.19 6.21 -12.39
CA PHE A 127 -3.52 7.04 -11.39
C PHE A 127 -2.67 6.13 -10.51
N PRO A 128 -1.56 5.62 -11.03
CA PRO A 128 -0.81 4.57 -10.30
C PRO A 128 -0.23 5.04 -8.98
N GLU A 129 0.26 6.28 -8.90
CA GLU A 129 0.78 6.78 -7.64
C GLU A 129 -0.32 6.89 -6.59
N LEU A 130 -1.51 7.35 -7.01
CA LEU A 130 -2.66 7.36 -6.12
C LEU A 130 -3.02 5.94 -5.70
N ARG A 131 -3.02 5.01 -6.66
CA ARG A 131 -3.38 3.62 -6.39
C ARG A 131 -2.50 3.02 -5.31
N ASP A 132 -1.18 3.23 -5.41
CA ASP A 132 -0.27 2.67 -4.42
C ASP A 132 -0.29 3.45 -3.11
N LEU A 133 -0.68 4.71 -3.15
CA LEU A 133 -0.85 5.47 -1.91
C LEU A 133 -1.96 4.88 -1.05
N CYS A 134 -3.17 4.76 -1.62
CA CYS A 134 -4.34 4.33 -0.85
C CYS A 134 -4.34 2.84 -0.57
N TYR A 135 -3.49 2.04 -1.22
CA TYR A 135 -3.47 0.60 -1.05
C TYR A 135 -2.26 0.12 -0.27
N ARG A 136 -1.25 0.98 -0.05
CA ARG A 136 -0.06 0.56 0.67
C ARG A 136 -0.33 0.24 2.12
N SER A 137 -1.35 0.86 2.74
CA SER A 137 -1.66 0.62 4.14
C SER A 137 -2.66 -0.49 4.34
N LEU A 138 -3.24 -1.04 3.26
CA LEU A 138 -4.35 -1.97 3.37
C LEU A 138 -3.88 -3.39 3.73
N LEU A 139 -4.77 -4.13 4.38
CA LEU A 139 -4.50 -5.54 4.63
C LEU A 139 -4.46 -6.33 3.33
N MET A 140 -3.83 -7.50 3.40
CA MET A 140 -3.66 -8.37 2.23
C MET A 140 -4.99 -8.88 1.71
N VAL A 141 -5.94 -9.17 2.61
CA VAL A 141 -7.27 -9.59 2.18
C VAL A 141 -7.83 -8.61 1.17
N PHE A 142 -7.72 -7.32 1.47
CA PHE A 142 -8.34 -6.26 0.70
C PHE A 142 -7.50 -5.83 -0.50
N MET A 143 -6.28 -6.36 -0.63
CA MET A 143 -5.55 -6.19 -1.87
C MET A 143 -5.67 -7.42 -2.77
N SER A 144 -6.22 -8.51 -2.26
CA SER A 144 -6.42 -9.72 -3.06
C SER A 144 -7.30 -9.46 -4.26
N ASP A 145 -7.11 -10.25 -5.31
CA ASP A 145 -7.97 -10.15 -6.50
C ASP A 145 -9.43 -10.41 -6.15
N GLU A 146 -9.68 -11.33 -5.20
CA GLU A 146 -11.05 -11.70 -4.91
C GLU A 146 -11.74 -10.73 -3.95
N TYR A 147 -11.00 -10.09 -3.05
CA TYR A 147 -11.60 -9.22 -2.04
C TYR A 147 -11.22 -7.77 -2.21
N ARG A 148 -10.63 -7.38 -3.35
CA ARG A 148 -10.31 -5.97 -3.57
C ARG A 148 -11.57 -5.14 -3.69
N ALA A 149 -12.51 -5.59 -4.54
CA ALA A 149 -13.79 -4.89 -4.67
C ALA A 149 -14.51 -4.81 -3.34
N PHE A 150 -14.42 -5.86 -2.53
CA PHE A 150 -15.04 -5.82 -1.21
C PHE A 150 -14.43 -4.74 -0.33
N GLY A 151 -13.11 -4.57 -0.41
CA GLY A 151 -12.46 -3.52 0.34
C GLY A 151 -12.88 -2.13 -0.09
N ASP A 152 -12.98 -1.90 -1.41
CA ASP A 152 -13.44 -0.61 -1.90
C ASP A 152 -14.87 -0.33 -1.47
N GLY A 153 -15.71 -1.38 -1.42
CA GLY A 153 -17.09 -1.20 -1.04
C GLY A 153 -17.26 -0.88 0.42
N LEU A 154 -16.44 -1.49 1.28
CA LEU A 154 -16.45 -1.15 2.70
C LEU A 154 -15.97 0.27 2.92
N PHE A 155 -14.91 0.67 2.22
CA PHE A 155 -14.44 2.06 2.29
C PHE A 155 -15.55 3.01 1.86
N MET A 156 -16.19 2.72 0.72
CA MET A 156 -17.21 3.61 0.17
C MET A 156 -18.46 3.64 1.03
N ALA A 157 -18.84 2.50 1.61
CA ALA A 157 -19.98 2.47 2.51
C ALA A 157 -19.71 3.34 3.75
N LEU A 158 -18.47 3.29 4.25
CA LEU A 158 -18.11 4.11 5.41
C LEU A 158 -18.05 5.60 5.04
N ALA A 159 -17.53 5.91 3.87
CA ALA A 159 -17.48 7.31 3.44
C ALA A 159 -18.87 7.85 3.15
N GLU A 160 -19.74 7.01 2.59
CA GLU A 160 -21.10 7.44 2.28
C GLU A 160 -21.87 7.81 3.55
N THR A 161 -21.76 6.95 4.57
CA THR A 161 -22.33 7.28 5.89
C THR A 161 -21.73 8.56 6.43
N THR A 162 -20.40 8.72 6.29
CA THR A 162 -19.75 9.96 6.74
C THR A 162 -20.31 11.18 6.01
N MET A 163 -20.51 11.07 4.69
CA MET A 163 -21.06 12.18 3.93
C MET A 163 -22.50 12.48 4.34
N ASP A 164 -23.30 11.43 4.53
CA ASP A 164 -24.71 11.62 4.87
C ASP A 164 -24.87 12.33 6.22
N PHE A 165 -24.07 11.94 7.22
CA PHE A 165 -24.20 12.57 8.53
C PHE A 165 -23.60 13.99 8.53
N ALA A 166 -22.49 14.19 7.82
CA ALA A 166 -21.89 15.52 7.79
C ALA A 166 -22.80 16.51 7.06
N ALA A 167 -23.49 16.06 6.01
CA ALA A 167 -24.34 16.96 5.24
C ALA A 167 -25.62 17.30 6.00
N ARG A 168 -26.16 16.35 6.76
CA ARG A 168 -27.43 16.55 7.44
C ARG A 168 -27.27 17.08 8.86
N ASP A 169 -26.13 16.85 9.50
CA ASP A 169 -25.81 17.45 10.79
C ASP A 169 -24.49 18.19 10.69
N PRO A 170 -24.47 19.31 9.97
CA PRO A 170 -23.20 20.02 9.75
C PRO A 170 -22.60 20.62 11.01
N ALA A 171 -23.39 20.85 12.05
CA ALA A 171 -22.84 21.32 13.31
C ALA A 171 -21.81 20.34 13.88
N ARG A 172 -21.96 19.09 13.49
CA ARG A 172 -21.07 18.07 13.92
C ARG A 172 -20.24 17.42 12.83
N ALA A 173 -20.11 18.08 11.70
CA ALA A 173 -19.37 17.56 10.55
C ALA A 173 -17.93 17.06 10.75
N GLY A 174 -17.14 17.85 11.44
CA GLY A 174 -15.80 17.53 11.78
C GLY A 174 -15.73 16.24 12.57
N GLU A 175 -16.62 16.01 13.51
CA GLU A 175 -16.56 14.74 14.22
C GLU A 175 -16.90 13.53 13.37
N TYR A 176 -17.83 13.65 12.49
CA TYR A 176 -18.18 12.56 11.65
C TYR A 176 -17.09 12.21 10.68
N ILE A 177 -16.40 13.19 10.19
CA ILE A 177 -15.32 12.94 9.25
C ILE A 177 -14.16 12.28 9.93
N ALA A 178 -13.85 12.72 11.12
CA ALA A 178 -12.76 12.16 11.91
C ALA A 178 -13.10 10.75 12.39
N LEU A 179 -14.28 10.59 13.02
CA LEU A 179 -14.69 9.26 13.47
C LEU A 179 -14.83 8.31 12.30
N GLY A 180 -15.40 8.79 11.19
CA GLY A 180 -15.49 7.96 10.00
C GLY A 180 -14.12 7.54 9.50
N PHE A 181 -13.15 8.46 9.50
CA PHE A 181 -11.82 8.12 9.01
C PHE A 181 -11.17 7.08 9.91
N GLU A 182 -11.23 7.26 11.22
CA GLU A 182 -10.59 6.32 12.13
C GLU A 182 -11.28 4.96 12.07
N ALA A 183 -12.62 4.94 11.97
CA ALA A 183 -13.33 3.68 11.79
C ALA A 183 -12.82 2.95 10.56
N MET A 184 -12.70 3.67 9.44
CA MET A 184 -12.18 3.09 8.21
C MET A 184 -10.75 2.62 8.38
N TRP A 185 -9.92 3.40 9.08
CA TRP A 185 -8.52 3.07 9.23
C TRP A 185 -8.33 1.78 10.02
N ARG A 186 -9.10 1.60 11.09
CA ARG A 186 -9.04 0.34 11.84
C ARG A 186 -9.55 -0.82 11.01
N ALA A 187 -10.57 -0.59 10.19
CA ALA A 187 -11.21 -1.69 9.46
C ALA A 187 -10.36 -2.23 8.34
N LEU A 188 -9.57 -1.38 7.68
CA LEU A 188 -8.93 -1.79 6.43
C LEU A 188 -7.41 -1.83 6.48
N THR A 189 -6.78 -1.24 7.49
CA THR A 189 -5.32 -1.11 7.50
C THR A 189 -4.68 -1.99 8.57
N ARG A 190 -3.40 -2.26 8.35
CA ARG A 190 -2.60 -3.06 9.28
C ARG A 190 -2.42 -2.35 10.62
N LYS B 9 -55.99 -1.39 7.09
CA LYS B 9 -55.57 -1.70 8.45
C LYS B 9 -54.19 -1.13 8.76
N LYS B 10 -53.86 -1.07 10.05
CA LYS B 10 -52.55 -0.54 10.45
C LYS B 10 -51.42 -1.38 9.87
N GLN B 11 -51.62 -2.70 9.77
CA GLN B 11 -50.55 -3.57 9.31
C GLN B 11 -50.33 -3.44 7.81
N ALA B 12 -51.40 -3.27 7.03
CA ALA B 12 -51.25 -3.13 5.58
C ALA B 12 -50.57 -1.82 5.20
N LEU B 13 -50.70 -0.78 6.04
CA LEU B 13 -50.06 0.48 5.74
C LEU B 13 -48.57 0.46 6.07
N LEU B 14 -48.19 -0.18 7.17
CA LEU B 14 -46.77 -0.29 7.51
C LEU B 14 -46.00 -1.05 6.45
N GLU B 15 -46.64 -2.05 5.83
CA GLU B 15 -45.97 -2.82 4.78
C GLU B 15 -45.78 -1.99 3.52
N ALA B 16 -46.80 -1.23 3.12
CA ALA B 16 -46.66 -0.35 1.96
C ALA B 16 -45.64 0.76 2.24
N ALA B 17 -45.65 1.30 3.46
CA ALA B 17 -44.66 2.32 3.80
C ALA B 17 -43.26 1.75 3.80
N THR B 18 -43.11 0.48 4.17
CA THR B 18 -41.80 -0.17 4.11
C THR B 18 -41.27 -0.21 2.68
N GLN B 19 -42.07 -0.77 1.76
CA GLN B 19 -41.64 -0.89 0.37
C GLN B 19 -41.41 0.47 -0.28
N ALA B 20 -42.30 1.43 0.02
CA ALA B 20 -42.18 2.75 -0.60
C ALA B 20 -40.94 3.49 -0.10
N ILE B 21 -40.70 3.45 1.22
CA ILE B 21 -39.51 4.11 1.77
C ILE B 21 -38.24 3.41 1.31
N ALA B 22 -38.29 2.10 1.14
CA ALA B 22 -37.12 1.38 0.63
C ALA B 22 -36.81 1.77 -0.82
N GLN B 23 -37.85 1.91 -1.65
CA GLN B 23 -37.61 2.21 -3.06
C GLN B 23 -37.42 3.70 -3.30
N SER B 24 -38.33 4.54 -2.79
CA SER B 24 -38.35 5.97 -3.09
C SER B 24 -37.70 6.84 -2.01
N GLY B 25 -37.34 6.27 -0.86
CA GLY B 25 -36.76 7.05 0.22
C GLY B 25 -37.80 7.63 1.15
N ILE B 26 -37.31 8.44 2.10
CA ILE B 26 -38.19 9.11 3.05
C ILE B 26 -39.13 10.08 2.34
N ALA B 27 -38.76 10.55 1.16
CA ALA B 27 -39.65 11.42 0.40
C ALA B 27 -40.87 10.68 -0.19
N ALA B 28 -41.14 9.42 0.16
CA ALA B 28 -42.33 8.75 -0.35
C ALA B 28 -43.57 9.51 0.07
N SER B 29 -44.49 9.72 -0.87
CA SER B 29 -45.74 10.40 -0.56
C SER B 29 -46.64 9.49 0.23
N THR B 30 -47.36 10.09 1.20
CA THR B 30 -48.42 9.36 1.88
C THR B 30 -49.55 9.01 0.92
N ALA B 31 -49.64 9.70 -0.22
CA ALA B 31 -50.62 9.34 -1.24
C ALA B 31 -50.22 8.05 -1.94
N VAL B 32 -48.93 7.82 -2.11
CA VAL B 32 -48.48 6.55 -2.68
C VAL B 32 -48.62 5.42 -1.65
N ILE B 33 -48.38 5.72 -0.37
CA ILE B 33 -48.30 4.66 0.63
C ILE B 33 -49.67 4.01 0.88
N ALA B 34 -50.68 4.83 1.18
CA ALA B 34 -52.04 4.30 1.37
C ALA B 34 -52.56 3.67 0.09
N ARG B 35 -52.31 4.31 -1.06
CA ARG B 35 -52.71 3.71 -2.32
C ARG B 35 -52.11 2.32 -2.48
N ASN B 36 -50.83 2.18 -2.14
CA ASN B 36 -50.19 0.87 -2.16
C ASN B 36 -50.58 0.00 -0.98
N ALA B 37 -51.49 0.47 -0.13
CA ALA B 37 -52.04 -0.34 0.96
C ALA B 37 -53.50 -0.66 0.78
N GLY B 38 -54.13 -0.16 -0.29
CA GLY B 38 -55.52 -0.44 -0.57
C GLY B 38 -56.53 0.44 0.13
N VAL B 39 -56.07 1.42 0.92
CA VAL B 39 -56.95 2.32 1.63
C VAL B 39 -56.77 3.73 1.07
N ALA B 40 -57.77 4.58 1.33
CA ALA B 40 -57.67 5.97 0.96
C ALA B 40 -56.59 6.66 1.79
N GLU B 41 -56.21 7.86 1.36
CA GLU B 41 -55.15 8.58 2.06
C GLU B 41 -55.60 9.05 3.44
N GLY B 42 -56.90 9.31 3.62
CA GLY B 42 -57.39 9.73 4.92
C GLY B 42 -57.25 8.66 5.98
N THR B 43 -57.42 7.39 5.60
CA THR B 43 -57.25 6.30 6.56
C THR B 43 -55.81 6.24 7.08
N LEU B 44 -54.83 6.60 6.24
CA LEU B 44 -53.44 6.64 6.69
C LEU B 44 -53.28 7.62 7.83
N PHE B 45 -53.91 8.79 7.75
CA PHE B 45 -53.73 9.81 8.77
C PHE B 45 -54.60 9.57 10.00
N ARG B 46 -55.67 8.79 9.88
CA ARG B 46 -56.44 8.41 11.06
C ARG B 46 -55.75 7.31 11.87
N TYR B 47 -54.73 6.66 11.31
CA TYR B 47 -53.86 5.75 12.06
C TYR B 47 -52.52 6.39 12.42
N PHE B 48 -51.97 7.21 11.53
CA PHE B 48 -50.71 7.93 11.76
C PHE B 48 -50.99 9.41 11.52
N ALA B 49 -51.05 10.17 12.62
CA ALA B 49 -51.56 11.54 12.55
C ALA B 49 -50.76 12.41 11.57
N THR B 50 -49.44 12.21 11.52
CA THR B 50 -48.58 13.01 10.67
C THR B 50 -47.64 12.11 9.88
N LYS B 51 -46.95 12.70 8.92
CA LYS B 51 -45.88 12.00 8.23
C LYS B 51 -44.81 11.57 9.22
N ASP B 52 -44.38 12.49 10.09
CA ASP B 52 -43.34 12.19 11.07
C ASP B 52 -43.77 11.07 12.00
N GLU B 53 -45.06 10.96 12.32
CA GLU B 53 -45.53 9.90 13.20
C GLU B 53 -45.35 8.52 12.55
N LEU B 54 -45.84 8.37 11.31
CA LEU B 54 -45.64 7.12 10.60
C LEU B 54 -44.16 6.79 10.45
N ILE B 55 -43.33 7.82 10.24
CA ILE B 55 -41.88 7.62 10.18
C ILE B 55 -41.38 7.01 11.49
N ASN B 56 -41.80 7.56 12.62
CA ASN B 56 -41.28 7.09 13.90
C ASN B 56 -41.83 5.71 14.27
N THR B 57 -43.12 5.49 14.01
CA THR B 57 -43.74 4.21 14.36
C THR B 57 -43.19 3.07 13.50
N LEU B 58 -43.06 3.30 12.19
CA LEU B 58 -42.52 2.26 11.32
C LEU B 58 -41.10 1.90 11.71
N TYR B 59 -40.30 2.91 12.12
CA TYR B 59 -38.98 2.62 12.67
C TYR B 59 -39.08 1.69 13.88
N LEU B 60 -40.01 1.98 14.79
CA LEU B 60 -40.18 1.11 15.95
C LEU B 60 -40.66 -0.28 15.53
N HIS B 61 -41.52 -0.34 14.51
CA HIS B 61 -42.02 -1.63 14.06
C HIS B 61 -40.94 -2.41 13.33
N LEU B 62 -40.12 -1.73 12.53
CA LEU B 62 -39.06 -2.41 11.80
C LEU B 62 -37.95 -2.85 12.75
N THR B 63 -37.54 -1.97 13.68
CA THR B 63 -36.50 -2.34 14.63
C THR B 63 -36.98 -3.49 15.52
N HIS B 64 -38.26 -3.49 15.89
CA HIS B 64 -38.79 -4.60 16.67
C HIS B 64 -38.72 -5.90 15.87
N ASP B 65 -39.08 -5.85 14.59
CA ASP B 65 -38.98 -7.04 13.74
C ASP B 65 -37.54 -7.51 13.59
N MET B 66 -36.62 -6.57 13.41
CA MET B 66 -35.22 -6.92 13.16
C MET B 66 -34.57 -7.53 14.39
N CYS B 67 -34.71 -6.88 15.56
CA CYS B 67 -34.10 -7.42 16.78
C CYS B 67 -34.79 -8.69 17.24
N GLN B 68 -36.09 -8.82 17.00
CA GLN B 68 -36.75 -10.05 17.41
C GLN B 68 -36.18 -11.26 16.70
N SER B 69 -35.64 -11.08 15.48
CA SER B 69 -34.88 -12.14 14.82
C SER B 69 -33.42 -12.15 15.24
N LEU B 70 -32.93 -11.05 15.80
CA LEU B 70 -31.58 -10.96 16.39
C LEU B 70 -31.49 -11.80 17.65
N ILE B 71 -32.38 -11.57 18.55
CA ILE B 71 -32.36 -12.33 19.72
C ILE B 71 -32.92 -13.69 19.54
N MET B 72 -33.70 -13.96 18.53
CA MET B 72 -34.27 -15.27 18.41
C MET B 72 -33.23 -16.30 18.10
N GLU B 73 -32.22 -15.95 17.35
CA GLU B 73 -31.24 -16.90 17.02
C GLU B 73 -29.98 -16.78 17.82
N LEU B 74 -29.98 -15.94 18.82
CA LEU B 74 -28.82 -15.74 19.64
C LEU B 74 -28.65 -16.86 20.64
N ASP B 75 -27.43 -17.42 20.66
CA ASP B 75 -27.10 -18.51 21.56
C ASP B 75 -26.79 -17.94 22.94
N ARG B 76 -27.70 -18.15 23.90
CA ARG B 76 -27.47 -17.67 25.26
C ARG B 76 -26.37 -18.43 25.97
N SER B 77 -25.94 -19.58 25.42
CA SER B 77 -24.79 -20.28 25.97
C SER B 77 -23.52 -19.44 25.86
N ILE B 78 -23.39 -18.69 24.77
CA ILE B 78 -22.18 -17.91 24.52
C ILE B 78 -22.10 -16.77 25.52
N THR B 79 -20.90 -16.54 26.05
CA THR B 79 -20.66 -15.44 26.98
C THR B 79 -19.55 -14.50 26.54
N ASP B 80 -18.65 -14.94 25.66
CA ASP B 80 -17.60 -14.06 25.14
C ASP B 80 -18.22 -12.96 24.29
N ALA B 81 -17.73 -11.73 24.46
CA ALA B 81 -18.34 -10.57 23.80
C ALA B 81 -18.23 -10.67 22.29
N LYS B 82 -17.04 -11.04 21.78
CA LYS B 82 -16.83 -11.09 20.34
C LYS B 82 -17.67 -12.20 19.70
N MET B 83 -17.56 -13.42 20.24
CA MET B 83 -18.33 -14.53 19.70
C MET B 83 -19.82 -14.21 19.72
N MET B 84 -20.31 -13.63 20.82
CA MET B 84 -21.70 -13.21 20.88
C MET B 84 -22.03 -12.19 19.79
N THR B 85 -21.12 -11.25 19.53
CA THR B 85 -21.36 -10.25 18.50
C THR B 85 -21.35 -10.86 17.10
N ARG B 86 -20.55 -11.92 16.90
CA ARG B 86 -20.55 -12.62 15.62
C ARG B 86 -21.89 -13.28 15.34
N PHE B 87 -22.57 -13.74 16.40
CA PHE B 87 -23.91 -14.29 16.25
C PHE B 87 -24.89 -13.23 15.77
N ILE B 88 -24.84 -12.04 16.40
CA ILE B 88 -25.74 -10.96 16.05
C ILE B 88 -25.46 -10.45 14.65
N TRP B 89 -24.20 -10.45 14.23
CA TRP B 89 -23.85 -10.02 12.89
C TRP B 89 -24.42 -10.97 11.85
N ASN B 90 -24.24 -12.28 12.06
CA ASN B 90 -24.75 -13.26 11.12
C ASN B 90 -26.28 -13.20 11.04
N SER B 91 -26.95 -12.98 12.17
N SER B 91 -26.95 -12.98 12.17
CA SER B 91 -28.39 -12.84 12.15
CA SER B 91 -28.39 -12.84 12.16
C SER B 91 -28.83 -11.59 11.40
C SER B 91 -28.83 -11.59 11.40
N TYR B 92 -28.13 -10.47 11.60
CA TYR B 92 -28.50 -9.24 10.90
C TYR B 92 -28.23 -9.36 9.41
N ILE B 93 -27.10 -9.97 9.04
CA ILE B 93 -26.81 -10.20 7.63
C ILE B 93 -27.91 -11.06 6.99
N SER B 94 -28.36 -12.08 7.71
CA SER B 94 -29.38 -12.97 7.18
C SER B 94 -30.74 -12.29 7.11
N TRP B 95 -31.08 -11.49 8.12
CA TRP B 95 -32.37 -10.81 8.11
C TRP B 95 -32.48 -9.85 6.92
N GLY B 96 -31.41 -9.11 6.64
CA GLY B 96 -31.44 -8.22 5.48
C GLY B 96 -31.52 -8.99 4.17
N LEU B 97 -30.83 -10.14 4.10
CA LEU B 97 -30.90 -10.96 2.90
C LEU B 97 -32.29 -11.55 2.70
N ASN B 98 -32.92 -11.99 3.79
CA ASN B 98 -34.26 -12.57 3.70
C ASN B 98 -35.34 -11.51 3.55
N HIS B 99 -35.08 -10.28 4.01
CA HIS B 99 -36.05 -9.18 3.95
C HIS B 99 -35.37 -7.95 3.38
N PRO B 100 -35.17 -7.90 2.06
CA PRO B 100 -34.44 -6.77 1.48
C PRO B 100 -35.17 -5.44 1.61
N ALA B 101 -36.51 -5.44 1.57
CA ALA B 101 -37.25 -4.19 1.66
C ALA B 101 -37.15 -3.59 3.05
N ARG B 102 -37.35 -4.41 4.08
CA ARG B 102 -37.30 -3.90 5.45
C ARG B 102 -35.91 -3.36 5.79
N HIS B 103 -34.86 -4.02 5.31
CA HIS B 103 -33.50 -3.56 5.59
C HIS B 103 -33.23 -2.20 4.97
N ARG B 104 -33.64 -2.01 3.70
CA ARG B 104 -33.43 -0.73 3.03
C ARG B 104 -34.19 0.38 3.73
N ALA B 105 -35.44 0.12 4.14
CA ALA B 105 -36.23 1.15 4.81
C ALA B 105 -35.69 1.45 6.20
N ILE B 106 -35.30 0.41 6.95
CA ILE B 106 -34.74 0.65 8.27
C ILE B 106 -33.44 1.41 8.18
N ARG B 107 -32.72 1.28 7.06
CA ARG B 107 -31.55 2.12 6.86
C ARG B 107 -31.95 3.58 6.70
N GLN B 108 -32.84 3.87 5.74
CA GLN B 108 -33.28 5.23 5.49
C GLN B 108 -34.04 5.84 6.67
N LEU B 109 -34.62 5.03 7.55
CA LEU B 109 -35.33 5.61 8.68
C LEU B 109 -34.42 5.88 9.87
N ALA B 110 -33.42 5.01 10.10
CA ALA B 110 -32.43 5.30 11.12
C ALA B 110 -31.63 6.56 10.81
N VAL B 111 -31.47 6.91 9.53
CA VAL B 111 -30.64 8.08 9.22
C VAL B 111 -31.31 9.39 9.60
N SER B 112 -32.63 9.42 9.68
CA SER B 112 -33.33 10.63 9.30
C SER B 112 -33.46 11.62 10.47
N GLU B 113 -33.58 12.90 10.09
CA GLU B 113 -33.88 13.96 11.04
C GLU B 113 -35.18 13.71 11.79
N LYS B 114 -36.14 13.04 11.14
CA LYS B 114 -37.50 12.98 11.64
C LYS B 114 -37.65 12.06 12.85
N LEU B 115 -36.70 11.17 13.10
CA LEU B 115 -36.79 10.30 14.26
C LEU B 115 -36.55 11.11 15.54
N THR B 116 -37.50 11.03 16.46
CA THR B 116 -37.38 11.76 17.72
C THR B 116 -36.50 11.01 18.70
N LYS B 117 -36.03 11.73 19.72
CA LYS B 117 -35.18 11.14 20.75
C LYS B 117 -35.92 10.05 21.52
N GLU B 118 -37.26 10.13 21.60
CA GLU B 118 -38.02 9.12 22.33
C GLU B 118 -38.08 7.79 21.58
N THR B 119 -38.14 7.84 20.24
CA THR B 119 -38.18 6.63 19.44
C THR B 119 -36.81 5.97 19.36
N ARG B 120 -35.76 6.79 19.38
CA ARG B 120 -34.40 6.29 19.31
C ARG B 120 -34.03 5.51 20.57
N GLN B 121 -34.35 6.06 21.73
CA GLN B 121 -34.05 5.38 23.00
C GLN B 121 -34.96 4.16 23.20
N ARG B 122 -36.24 4.26 22.83
CA ARG B 122 -37.13 3.13 23.00
C ARG B 122 -36.75 1.98 22.09
N ALA B 123 -36.13 2.28 20.94
CA ALA B 123 -35.67 1.20 20.06
C ALA B 123 -34.52 0.43 20.68
N ARG B 124 -33.74 1.07 21.56
CA ARG B 124 -32.68 0.36 22.27
C ARG B 124 -33.21 -0.36 23.50
N ASP B 125 -34.11 0.29 24.23
CA ASP B 125 -34.65 -0.26 25.47
C ASP B 125 -35.76 -1.28 25.24
N MET B 126 -36.29 -1.38 24.01
CA MET B 126 -37.28 -2.40 23.72
C MET B 126 -36.74 -3.79 23.99
N PHE B 127 -35.48 -4.03 23.64
CA PHE B 127 -34.77 -5.28 23.93
C PHE B 127 -33.55 -4.91 24.76
N PRO B 128 -33.73 -4.74 26.08
CA PRO B 128 -32.60 -4.23 26.89
C PRO B 128 -31.42 -5.17 26.95
N GLU B 129 -31.67 -6.48 27.11
CA GLU B 129 -30.57 -7.43 27.17
C GLU B 129 -29.73 -7.38 25.91
N LEU B 130 -30.38 -7.42 24.74
CA LEU B 130 -29.65 -7.39 23.48
C LEU B 130 -28.92 -6.06 23.30
N ARG B 131 -29.52 -4.97 23.75
CA ARG B 131 -28.84 -3.67 23.74
C ARG B 131 -27.50 -3.76 24.46
N ASP B 132 -27.51 -4.21 25.72
CA ASP B 132 -26.27 -4.39 26.45
C ASP B 132 -25.35 -5.40 25.77
N LEU B 133 -25.92 -6.40 25.10
CA LEU B 133 -25.11 -7.32 24.34
C LEU B 133 -24.61 -6.72 23.03
N CYS B 134 -25.29 -5.70 22.51
CA CYS B 134 -24.93 -5.04 21.27
C CYS B 134 -24.22 -3.71 21.47
N TYR B 135 -23.92 -3.33 22.72
CA TYR B 135 -23.39 -2.00 22.94
C TYR B 135 -22.17 -2.02 23.87
N ARG B 136 -22.14 -2.96 24.80
CA ARG B 136 -21.14 -2.89 25.86
C ARG B 136 -19.74 -3.33 25.41
N SER B 137 -19.53 -3.60 24.13
CA SER B 137 -18.21 -3.76 23.57
C SER B 137 -17.79 -2.58 22.70
N LEU B 138 -18.67 -1.59 22.53
CA LEU B 138 -18.48 -0.50 21.59
C LEU B 138 -17.49 0.53 22.10
N LEU B 139 -16.90 1.27 21.15
CA LEU B 139 -16.37 2.59 21.45
C LEU B 139 -17.44 3.39 22.18
N MET B 140 -17.06 4.03 23.29
CA MET B 140 -18.04 4.74 24.09
C MET B 140 -18.66 5.90 23.33
N VAL B 141 -17.93 6.47 22.36
CA VAL B 141 -18.46 7.55 21.55
C VAL B 141 -19.73 7.12 20.82
N PHE B 142 -19.79 5.86 20.38
CA PHE B 142 -20.91 5.36 19.59
C PHE B 142 -22.12 5.01 20.43
N MET B 143 -22.03 5.11 21.75
CA MET B 143 -23.20 5.00 22.61
C MET B 143 -23.67 6.35 23.12
N SER B 144 -22.92 7.41 22.82
CA SER B 144 -23.37 8.76 23.15
C SER B 144 -24.65 9.10 22.39
N ASP B 145 -25.47 9.96 23.01
CA ASP B 145 -26.70 10.39 22.36
C ASP B 145 -26.43 11.07 21.03
N GLU B 146 -25.27 11.72 20.88
CA GLU B 146 -24.98 12.47 19.68
C GLU B 146 -24.39 11.63 18.55
N TYR B 147 -23.74 10.51 18.87
CA TYR B 147 -23.09 9.69 17.85
C TYR B 147 -23.61 8.26 17.81
N ARG B 148 -24.70 7.97 18.52
CA ARG B 148 -25.26 6.62 18.46
C ARG B 148 -25.81 6.32 17.08
N ALA B 149 -26.55 7.27 16.49
CA ALA B 149 -27.06 7.07 15.13
C ALA B 149 -25.93 6.84 14.14
N PHE B 150 -24.86 7.65 14.23
CA PHE B 150 -23.72 7.47 13.35
C PHE B 150 -23.07 6.10 13.53
N GLY B 151 -22.95 5.64 14.79
CA GLY B 151 -22.41 4.32 15.03
C GLY B 151 -23.28 3.21 14.46
N ASP B 152 -24.60 3.35 14.59
CA ASP B 152 -25.51 2.43 13.93
C ASP B 152 -25.41 2.53 12.42
N GLY B 153 -25.06 3.71 11.90
CA GLY B 153 -24.97 3.89 10.46
C GLY B 153 -23.72 3.31 9.85
N LEU B 154 -22.61 3.33 10.58
CA LEU B 154 -21.40 2.65 10.09
C LEU B 154 -21.59 1.15 10.11
N PHE B 155 -22.16 0.61 11.18
CA PHE B 155 -22.50 -0.81 11.25
C PHE B 155 -23.36 -1.23 10.07
N MET B 156 -24.50 -0.54 9.88
CA MET B 156 -25.43 -0.89 8.83
C MET B 156 -24.84 -0.69 7.44
N ALA B 157 -23.98 0.33 7.26
CA ALA B 157 -23.27 0.49 5.99
C ALA B 157 -22.38 -0.72 5.71
N LEU B 158 -21.62 -1.16 6.72
CA LEU B 158 -20.79 -2.34 6.55
C LEU B 158 -21.61 -3.59 6.34
N ALA B 159 -22.78 -3.68 6.99
CA ALA B 159 -23.62 -4.86 6.84
C ALA B 159 -24.24 -4.94 5.46
N GLU B 160 -24.74 -3.80 4.96
CA GLU B 160 -25.34 -3.75 3.64
C GLU B 160 -24.34 -4.17 2.57
N THR B 161 -23.11 -3.63 2.64
CA THR B 161 -22.06 -4.03 1.73
C THR B 161 -21.80 -5.53 1.82
N THR B 162 -21.84 -6.08 3.03
CA THR B 162 -21.64 -7.52 3.20
C THR B 162 -22.79 -8.29 2.56
N MET B 163 -24.03 -7.79 2.72
CA MET B 163 -25.19 -8.44 2.12
C MET B 163 -25.08 -8.49 0.60
N ASP B 164 -24.79 -7.36 -0.02
CA ASP B 164 -24.70 -7.24 -1.49
C ASP B 164 -23.66 -8.21 -2.08
N PHE B 165 -22.43 -8.18 -1.59
CA PHE B 165 -21.38 -9.08 -2.12
C PHE B 165 -21.76 -10.55 -1.94
N ALA B 166 -22.39 -10.88 -0.82
CA ALA B 166 -22.74 -12.29 -0.54
C ALA B 166 -23.86 -12.79 -1.45
N ALA B 167 -24.88 -11.96 -1.67
CA ALA B 167 -26.03 -12.39 -2.49
C ALA B 167 -25.59 -12.45 -3.95
N ARG B 168 -24.58 -11.66 -4.27
CA ARG B 168 -24.11 -11.64 -5.67
C ARG B 168 -22.95 -12.60 -5.86
N ASP B 169 -22.52 -13.29 -4.80
CA ASP B 169 -21.43 -14.29 -4.91
C ASP B 169 -21.59 -15.29 -3.77
N PRO B 170 -22.63 -16.13 -3.82
CA PRO B 170 -22.92 -17.06 -2.75
C PRO B 170 -21.77 -18.00 -2.36
N ALA B 171 -20.96 -18.39 -3.32
CA ALA B 171 -19.82 -19.28 -3.05
C ALA B 171 -18.89 -18.62 -2.04
N ARG B 172 -18.75 -17.31 -2.15
CA ARG B 172 -17.83 -16.61 -1.26
C ARG B 172 -18.54 -15.90 -0.12
N ALA B 173 -19.87 -16.07 -0.01
CA ALA B 173 -20.64 -15.37 1.02
C ALA B 173 -20.07 -15.65 2.41
N GLY B 174 -19.67 -16.89 2.68
CA GLY B 174 -19.07 -17.21 3.96
C GLY B 174 -17.83 -16.39 4.27
N GLU B 175 -17.07 -16.00 3.26
CA GLU B 175 -15.91 -15.17 3.53
C GLU B 175 -16.26 -13.69 3.60
N TYR B 176 -17.17 -13.22 2.75
CA TYR B 176 -17.64 -11.84 2.86
C TYR B 176 -18.19 -11.57 4.26
N ILE B 177 -18.92 -12.52 4.83
CA ILE B 177 -19.53 -12.35 6.14
C ILE B 177 -18.47 -12.28 7.23
N ALA B 178 -17.43 -13.11 7.13
CA ALA B 178 -16.36 -13.10 8.11
C ALA B 178 -15.50 -11.85 8.00
N LEU B 179 -15.12 -11.48 6.77
CA LEU B 179 -14.32 -10.28 6.56
C LEU B 179 -15.09 -9.05 6.98
N GLY B 180 -16.35 -8.96 6.54
CA GLY B 180 -17.21 -7.87 6.99
C GLY B 180 -17.30 -7.77 8.50
N PHE B 181 -17.37 -8.92 9.18
CA PHE B 181 -17.52 -8.88 10.64
C PHE B 181 -16.29 -8.34 11.32
N GLU B 182 -15.11 -8.89 10.98
CA GLU B 182 -13.87 -8.41 11.58
C GLU B 182 -13.64 -6.93 11.27
N ALA B 183 -13.98 -6.51 10.04
CA ALA B 183 -13.88 -5.09 9.70
C ALA B 183 -14.78 -4.26 10.60
N MET B 184 -16.04 -4.67 10.75
CA MET B 184 -16.94 -3.99 11.66
C MET B 184 -16.39 -3.99 13.08
N TRP B 185 -15.78 -5.10 13.50
CA TRP B 185 -15.35 -5.25 14.88
C TRP B 185 -14.20 -4.31 15.21
N ARG B 186 -13.21 -4.21 14.31
CA ARG B 186 -12.14 -3.24 14.53
C ARG B 186 -12.65 -1.81 14.44
N ALA B 187 -13.66 -1.57 13.59
CA ALA B 187 -14.15 -0.21 13.39
C ALA B 187 -14.83 0.35 14.64
N LEU B 188 -15.68 -0.45 15.30
CA LEU B 188 -16.59 0.10 16.28
C LEU B 188 -16.34 -0.32 17.73
N THR B 189 -15.50 -1.33 17.97
CA THR B 189 -15.35 -1.85 19.32
C THR B 189 -14.04 -1.38 19.95
N ARG B 190 -14.03 -1.40 21.29
CA ARG B 190 -12.89 -0.91 22.06
C ARG B 190 -12.00 -2.07 22.53
N LYS C 9 41.59 15.65 16.57
CA LYS C 9 41.32 14.74 17.69
C LYS C 9 39.92 14.15 17.55
N LYS C 10 38.91 14.99 17.78
CA LYS C 10 37.54 14.61 17.43
C LYS C 10 37.41 14.42 15.93
N GLN C 11 38.07 15.27 15.15
CA GLN C 11 38.14 15.06 13.70
C GLN C 11 38.91 13.78 13.37
N ALA C 12 39.92 13.47 14.17
CA ALA C 12 40.68 12.23 13.95
C ALA C 12 39.81 11.02 14.17
N LEU C 13 38.96 11.04 15.21
CA LEU C 13 38.08 9.90 15.47
C LEU C 13 37.03 9.76 14.38
N LEU C 14 36.52 10.88 13.85
CA LEU C 14 35.50 10.81 12.81
C LEU C 14 36.06 10.21 11.53
N GLU C 15 37.28 10.60 11.15
CA GLU C 15 37.93 9.99 10.00
C GLU C 15 38.26 8.52 10.27
N ALA C 16 38.65 8.19 11.49
CA ALA C 16 38.92 6.80 11.83
C ALA C 16 37.65 5.96 11.73
N ALA C 17 36.54 6.47 12.26
CA ALA C 17 35.27 5.76 12.17
C ALA C 17 34.82 5.60 10.72
N THR C 18 35.05 6.63 9.90
CA THR C 18 34.70 6.54 8.49
C THR C 18 35.39 5.36 7.83
N GLN C 19 36.72 5.27 7.99
CA GLN C 19 37.45 4.14 7.41
C GLN C 19 36.96 2.82 7.96
N ALA C 20 36.80 2.74 9.28
CA ALA C 20 36.46 1.47 9.92
C ALA C 20 35.06 1.01 9.54
N ILE C 21 34.09 1.93 9.47
CA ILE C 21 32.73 1.50 9.16
C ILE C 21 32.60 1.13 7.68
N ALA C 22 33.35 1.82 6.81
CA ALA C 22 33.34 1.43 5.39
C ALA C 22 33.86 0.00 5.20
N GLN C 23 34.91 -0.38 5.94
CA GLN C 23 35.48 -1.71 5.76
C GLN C 23 34.66 -2.78 6.46
N SER C 24 34.16 -2.50 7.67
CA SER C 24 33.55 -3.53 8.50
C SER C 24 32.07 -3.31 8.81
N GLY C 25 31.46 -2.22 8.33
CA GLY C 25 30.09 -1.94 8.71
C GLY C 25 30.02 -1.32 10.10
N ILE C 26 28.77 -1.15 10.57
CA ILE C 26 28.55 -0.62 11.92
C ILE C 26 29.00 -1.57 13.01
N ALA C 27 29.38 -2.80 12.67
CA ALA C 27 30.01 -3.70 13.61
C ALA C 27 31.46 -3.34 13.91
N ALA C 28 31.96 -2.25 13.32
CA ALA C 28 33.34 -1.84 13.53
C ALA C 28 33.61 -1.55 15.00
N SER C 29 34.83 -1.83 15.43
CA SER C 29 35.19 -1.74 16.84
C SER C 29 35.53 -0.30 17.23
N THR C 30 34.98 0.15 18.35
CA THR C 30 35.41 1.44 18.91
C THR C 30 36.87 1.39 19.37
N ALA C 31 37.37 0.21 19.72
CA ALA C 31 38.78 0.11 20.09
C ALA C 31 39.67 0.29 18.86
N VAL C 32 39.29 -0.28 17.72
CA VAL C 32 40.09 -0.15 16.51
C VAL C 32 39.95 1.25 15.94
N ILE C 33 38.74 1.82 15.99
CA ILE C 33 38.54 3.20 15.55
C ILE C 33 39.45 4.14 16.33
N ALA C 34 39.44 4.05 17.65
CA ALA C 34 40.30 4.90 18.46
C ALA C 34 41.77 4.70 18.14
N ARG C 35 42.21 3.43 18.08
CA ARG C 35 43.61 3.12 17.77
C ARG C 35 44.04 3.75 16.46
N ASN C 36 43.23 3.58 15.40
CA ASN C 36 43.61 4.13 14.10
C ASN C 36 43.67 5.65 14.10
N ALA C 37 43.01 6.30 15.05
CA ALA C 37 43.07 7.76 15.18
C ALA C 37 44.19 8.20 16.12
N GLY C 38 45.04 7.28 16.57
CA GLY C 38 46.09 7.62 17.50
C GLY C 38 45.58 7.97 18.88
N VAL C 39 44.50 7.35 19.32
CA VAL C 39 43.79 7.73 20.54
C VAL C 39 43.33 6.45 21.23
N ALA C 40 43.33 6.46 22.56
CA ALA C 40 42.82 5.31 23.28
C ALA C 40 41.29 5.33 23.33
N GLU C 41 40.70 4.14 23.50
CA GLU C 41 39.25 4.01 23.41
C GLU C 41 38.52 4.87 24.42
N GLY C 42 39.13 5.12 25.58
CA GLY C 42 38.47 5.93 26.60
C GLY C 42 38.23 7.36 26.13
N THR C 43 39.19 7.93 25.41
CA THR C 43 38.99 9.27 24.88
C THR C 43 37.93 9.29 23.79
N LEU C 44 37.82 8.20 23.02
CA LEU C 44 36.72 8.09 22.06
C LEU C 44 35.38 8.23 22.76
N PHE C 45 35.22 7.59 23.91
CA PHE C 45 34.00 7.70 24.70
C PHE C 45 33.92 8.99 25.49
N ARG C 46 35.00 9.77 25.55
CA ARG C 46 34.89 11.14 26.04
C ARG C 46 34.17 12.02 25.03
N TYR C 47 34.50 11.88 23.75
CA TYR C 47 33.87 12.68 22.71
C TYR C 47 32.49 12.13 22.33
N PHE C 48 32.35 10.80 22.31
CA PHE C 48 31.08 10.15 21.95
C PHE C 48 30.73 9.17 23.07
N ALA C 49 29.80 9.59 23.93
CA ALA C 49 29.47 8.81 25.13
C ALA C 49 29.05 7.40 24.78
N THR C 50 28.47 7.20 23.60
CA THR C 50 28.00 5.89 23.17
C THR C 50 28.31 5.69 21.70
N LYS C 51 28.40 4.43 21.29
CA LYS C 51 28.61 4.16 19.87
C LYS C 51 27.44 4.63 19.04
N ASP C 52 26.24 4.72 19.63
CA ASP C 52 25.09 5.28 18.94
C ASP C 52 25.32 6.74 18.59
N GLU C 53 25.85 7.52 19.55
CA GLU C 53 26.16 8.92 19.28
C GLU C 53 27.24 9.05 18.22
N LEU C 54 28.21 8.13 18.21
CA LEU C 54 29.22 8.15 17.14
C LEU C 54 28.58 7.82 15.80
N ILE C 55 27.66 6.85 15.77
CA ILE C 55 26.97 6.50 14.53
C ILE C 55 26.24 7.72 13.97
N ASN C 56 25.53 8.44 14.84
CA ASN C 56 24.69 9.54 14.37
C ASN C 56 25.51 10.79 14.08
N THR C 57 26.48 11.12 14.95
CA THR C 57 27.30 12.30 14.70
C THR C 57 28.13 12.13 13.42
N LEU C 58 28.65 10.93 13.19
CA LEU C 58 29.41 10.68 11.96
C LEU C 58 28.52 10.80 10.72
N TYR C 59 27.30 10.25 10.81
CA TYR C 59 26.39 10.31 9.68
C TYR C 59 26.08 11.75 9.30
N LEU C 60 25.80 12.60 10.29
CA LEU C 60 25.58 14.02 10.02
C LEU C 60 26.82 14.66 9.41
N HIS C 61 28.00 14.30 9.92
CA HIS C 61 29.25 14.86 9.41
C HIS C 61 29.50 14.43 7.98
N LEU C 62 29.19 13.18 7.65
CA LEU C 62 29.45 12.70 6.30
C LEU C 62 28.43 13.27 5.31
N THR C 63 27.16 13.33 5.70
CA THR C 63 26.15 13.89 4.82
C THR C 63 26.36 15.39 4.62
N HIS C 64 26.82 16.08 5.66
CA HIS C 64 27.19 17.49 5.51
C HIS C 64 28.30 17.65 4.47
N ASP C 65 29.36 16.86 4.60
CA ASP C 65 30.46 16.93 3.65
C ASP C 65 29.98 16.63 2.23
N MET C 66 29.20 15.55 2.08
CA MET C 66 28.73 15.16 0.76
C MET C 66 27.79 16.22 0.18
N CYS C 67 26.81 16.66 0.98
CA CYS C 67 25.87 17.67 0.49
C CYS C 67 26.60 18.94 0.08
N GLN C 68 27.62 19.35 0.84
CA GLN C 68 28.35 20.56 0.51
C GLN C 68 29.05 20.44 -0.84
N SER C 69 29.68 19.30 -1.11
CA SER C 69 30.37 19.11 -2.38
C SER C 69 29.39 19.08 -3.54
N LEU C 70 28.15 18.66 -3.30
CA LEU C 70 27.15 18.65 -4.36
C LEU C 70 26.74 20.06 -4.74
N ILE C 71 26.37 20.89 -3.76
CA ILE C 71 25.90 22.23 -4.08
C ILE C 71 27.04 23.17 -4.45
N MET C 72 28.28 22.84 -4.08
CA MET C 72 29.42 23.65 -4.49
C MET C 72 29.65 23.59 -5.98
N GLU C 73 29.12 22.56 -6.65
CA GLU C 73 29.28 22.39 -8.10
C GLU C 73 27.94 22.47 -8.82
N LEU C 74 26.94 23.04 -8.16
CA LEU C 74 25.58 23.10 -8.69
C LEU C 74 25.39 24.40 -9.45
N ASP C 75 25.62 24.35 -10.77
CA ASP C 75 25.44 25.50 -11.63
C ASP C 75 24.01 26.02 -11.53
N ARG C 76 23.87 27.25 -11.02
CA ARG C 76 22.55 27.85 -10.84
C ARG C 76 21.82 28.11 -12.16
N SER C 77 22.52 28.12 -13.30
CA SER C 77 21.83 28.36 -14.56
C SER C 77 21.01 27.16 -15.02
N ILE C 78 21.27 25.98 -14.47
CA ILE C 78 20.59 24.75 -14.89
C ILE C 78 19.19 24.75 -14.31
N THR C 79 18.19 24.97 -15.15
CA THR C 79 16.81 25.08 -14.69
C THR C 79 15.95 23.89 -15.09
N ASP C 80 16.46 22.97 -15.90
CA ASP C 80 15.70 21.79 -16.29
C ASP C 80 15.89 20.70 -15.25
N ALA C 81 14.79 20.04 -14.86
CA ALA C 81 14.82 19.14 -13.72
C ALA C 81 15.74 17.95 -13.95
N LYS C 82 15.65 17.34 -15.14
CA LYS C 82 16.43 16.14 -15.43
C LYS C 82 17.92 16.45 -15.47
N MET C 83 18.30 17.51 -16.17
CA MET C 83 19.69 17.88 -16.33
C MET C 83 20.30 18.30 -15.01
N MET C 84 19.55 19.06 -14.22
CA MET C 84 20.01 19.39 -12.88
C MET C 84 20.27 18.13 -12.07
N THR C 85 19.42 17.11 -12.23
CA THR C 85 19.67 15.83 -11.56
C THR C 85 20.92 15.16 -12.13
N ARG C 86 21.17 15.30 -13.43
CA ARG C 86 22.38 14.75 -14.02
C ARG C 86 23.62 15.45 -13.46
N PHE C 87 23.50 16.74 -13.16
CA PHE C 87 24.62 17.48 -12.54
C PHE C 87 24.93 16.93 -11.15
N ILE C 88 23.89 16.70 -10.34
CA ILE C 88 24.09 16.18 -8.99
C ILE C 88 24.55 14.72 -9.04
N TRP C 89 24.07 13.96 -10.03
CA TRP C 89 24.57 12.59 -10.21
C TRP C 89 26.05 12.59 -10.52
N ASN C 90 26.48 13.41 -11.47
CA ASN C 90 27.91 13.52 -11.79
C ASN C 90 28.71 13.90 -10.55
N SER C 91 28.20 14.85 -9.76
CA SER C 91 28.93 15.30 -8.57
C SER C 91 29.00 14.20 -7.52
N TYR C 92 27.94 13.39 -7.39
CA TYR C 92 27.95 12.33 -6.39
C TYR C 92 28.92 11.21 -6.77
N ILE C 93 28.90 10.80 -8.05
CA ILE C 93 29.84 9.80 -8.53
C ILE C 93 31.27 10.22 -8.24
N SER C 94 31.64 11.44 -8.67
CA SER C 94 33.02 11.89 -8.50
C SER C 94 33.36 12.09 -7.03
N TRP C 95 32.39 12.54 -6.22
CA TRP C 95 32.65 12.63 -4.78
C TRP C 95 32.96 11.26 -4.20
N GLY C 96 32.19 10.24 -4.58
CA GLY C 96 32.44 8.90 -4.07
C GLY C 96 33.71 8.28 -4.63
N LEU C 97 34.13 8.72 -5.82
CA LEU C 97 35.38 8.21 -6.39
C LEU C 97 36.59 8.80 -5.68
N ASN C 98 36.55 10.09 -5.34
CA ASN C 98 37.64 10.70 -4.61
C ASN C 98 37.58 10.41 -3.12
N HIS C 99 36.44 9.96 -2.62
CA HIS C 99 36.27 9.62 -1.20
C HIS C 99 35.54 8.29 -1.11
N PRO C 100 36.21 7.19 -1.43
CA PRO C 100 35.53 5.88 -1.38
C PRO C 100 35.09 5.50 0.02
N ALA C 101 35.88 5.86 1.03
CA ALA C 101 35.52 5.54 2.41
C ALA C 101 34.27 6.29 2.83
N ARG C 102 34.22 7.60 2.57
CA ARG C 102 33.06 8.40 2.99
C ARG C 102 31.76 7.87 2.38
N HIS C 103 31.79 7.49 1.11
CA HIS C 103 30.58 7.00 0.45
C HIS C 103 30.16 5.64 1.01
N ARG C 104 31.10 4.70 1.08
CA ARG C 104 30.76 3.36 1.59
C ARG C 104 30.30 3.43 3.04
N ALA C 105 30.92 4.31 3.85
CA ALA C 105 30.45 4.50 5.22
C ALA C 105 29.04 5.08 5.27
N ILE C 106 28.74 6.05 4.39
CA ILE C 106 27.40 6.60 4.29
C ILE C 106 26.40 5.51 3.88
N ARG C 107 26.84 4.59 3.02
CA ARG C 107 25.97 3.50 2.60
C ARG C 107 25.59 2.61 3.79
N GLN C 108 26.57 2.24 4.61
CA GLN C 108 26.29 1.37 5.74
C GLN C 108 25.59 2.08 6.88
N LEU C 109 25.86 3.39 7.04
CA LEU C 109 25.23 4.11 8.15
C LEU C 109 23.75 4.37 7.88
N ALA C 110 23.40 4.66 6.62
CA ALA C 110 22.04 5.10 6.29
C ALA C 110 21.00 4.02 6.54
N VAL C 111 21.40 2.75 6.54
CA VAL C 111 20.48 1.64 6.71
C VAL C 111 20.54 1.03 8.10
N SER C 112 21.49 1.47 8.94
CA SER C 112 21.58 0.97 10.30
C SER C 112 20.35 1.38 11.10
N GLU C 113 19.95 0.51 12.02
CA GLU C 113 18.79 0.80 12.87
C GLU C 113 19.08 1.84 13.93
N LYS C 114 20.34 2.21 14.16
CA LYS C 114 20.70 3.10 15.26
C LYS C 114 20.61 4.58 14.89
N LEU C 115 20.32 4.90 13.63
CA LEU C 115 20.14 6.29 13.22
C LEU C 115 18.76 6.78 13.66
N THR C 116 18.72 7.84 14.46
CA THR C 116 17.46 8.36 14.95
C THR C 116 16.64 8.96 13.81
N LYS C 117 15.33 9.05 14.03
CA LYS C 117 14.46 9.73 13.07
C LYS C 117 14.80 11.21 12.98
N GLU C 118 15.27 11.81 14.07
CA GLU C 118 15.70 13.20 14.03
C GLU C 118 16.98 13.36 13.21
N THR C 119 17.92 12.44 13.36
CA THR C 119 19.16 12.51 12.59
C THR C 119 18.89 12.43 11.09
N ARG C 120 17.96 11.55 10.68
CA ARG C 120 17.57 11.48 9.27
C ARG C 120 17.02 12.83 8.82
N GLN C 121 16.09 13.39 9.59
CA GLN C 121 15.50 14.67 9.24
C GLN C 121 16.56 15.75 9.16
N ARG C 122 17.39 15.86 10.21
CA ARG C 122 18.37 16.95 10.23
C ARG C 122 19.41 16.79 9.14
N ALA C 123 19.67 15.56 8.66
CA ALA C 123 20.61 15.38 7.56
C ALA C 123 20.09 16.06 6.30
N ARG C 124 18.80 15.92 6.01
CA ARG C 124 18.23 16.55 4.82
C ARG C 124 17.98 18.04 5.04
N ASP C 125 17.57 18.42 6.25
CA ASP C 125 17.06 19.75 6.51
C ASP C 125 18.14 20.81 6.66
N MET C 126 19.43 20.43 6.66
CA MET C 126 20.49 21.42 6.68
C MET C 126 20.85 21.94 5.28
N PHE C 127 20.36 21.29 4.23
CA PHE C 127 20.49 21.76 2.86
C PHE C 127 19.12 21.71 2.20
N PRO C 128 18.19 22.56 2.66
CA PRO C 128 16.80 22.45 2.17
C PRO C 128 16.66 22.65 0.68
N GLU C 129 17.47 23.54 0.08
CA GLU C 129 17.40 23.75 -1.36
C GLU C 129 17.87 22.53 -2.13
N LEU C 130 18.94 21.87 -1.67
CA LEU C 130 19.34 20.62 -2.29
C LEU C 130 18.33 19.51 -2.03
N ARG C 131 17.64 19.57 -0.89
CA ARG C 131 16.70 18.51 -0.52
C ARG C 131 15.57 18.38 -1.54
N ASP C 132 14.75 19.42 -1.70
CA ASP C 132 13.64 19.36 -2.66
C ASP C 132 14.11 19.34 -4.11
N LEU C 133 15.38 19.63 -4.37
CA LEU C 133 15.89 19.55 -5.73
C LEU C 133 16.05 18.09 -6.15
N CYS C 134 16.51 17.24 -5.24
CA CYS C 134 16.70 15.83 -5.52
C CYS C 134 15.45 14.99 -5.25
N TYR C 135 14.48 15.52 -4.50
CA TYR C 135 13.35 14.74 -4.01
C TYR C 135 12.04 15.02 -4.74
N ARG C 136 11.78 16.26 -5.14
CA ARG C 136 10.54 16.61 -5.85
C ARG C 136 10.45 15.95 -7.22
N SER C 137 11.53 15.33 -7.71
CA SER C 137 11.47 14.51 -8.91
C SER C 137 11.07 13.06 -8.63
N LEU C 138 11.11 12.66 -7.36
CA LEU C 138 10.96 11.26 -6.98
C LEU C 138 9.52 10.79 -7.02
N LEU C 139 9.35 9.50 -7.28
CA LEU C 139 8.07 8.85 -7.04
C LEU C 139 7.66 9.07 -5.59
N MET C 140 6.36 9.26 -5.38
CA MET C 140 5.88 9.60 -4.04
C MET C 140 6.12 8.49 -3.04
N VAL C 141 6.18 7.24 -3.49
CA VAL C 141 6.51 6.15 -2.57
C VAL C 141 7.89 6.35 -1.97
N PHE C 142 8.84 6.85 -2.77
CA PHE C 142 10.20 7.06 -2.28
C PHE C 142 10.37 8.37 -1.51
N MET C 143 9.30 9.13 -1.32
CA MET C 143 9.33 10.25 -0.41
C MET C 143 8.68 9.94 0.93
N SER C 144 7.95 8.83 1.01
CA SER C 144 7.29 8.40 2.24
C SER C 144 8.31 8.27 3.38
N ASP C 145 7.85 8.52 4.60
CA ASP C 145 8.70 8.25 5.76
C ASP C 145 9.09 6.78 5.83
N GLU C 146 8.22 5.89 5.37
CA GLU C 146 8.50 4.47 5.49
C GLU C 146 9.59 4.03 4.51
N TYR C 147 9.59 4.60 3.30
CA TYR C 147 10.42 4.09 2.22
C TYR C 147 11.38 5.13 1.66
N ARG C 148 11.58 6.27 2.33
CA ARG C 148 12.54 7.23 1.79
C ARG C 148 13.96 6.73 1.93
N ALA C 149 14.30 6.14 3.08
CA ALA C 149 15.63 5.55 3.25
C ALA C 149 15.87 4.46 2.20
N PHE C 150 14.84 3.66 1.90
CA PHE C 150 14.95 2.65 0.87
C PHE C 150 15.21 3.29 -0.50
N GLY C 151 14.48 4.37 -0.81
CA GLY C 151 14.80 5.14 -2.00
C GLY C 151 16.24 5.63 -2.00
N ASP C 152 16.71 6.13 -0.85
CA ASP C 152 18.09 6.60 -0.77
C ASP C 152 19.06 5.44 -0.96
N GLY C 153 18.73 4.27 -0.42
CA GLY C 153 19.59 3.12 -0.58
C GLY C 153 19.68 2.64 -2.02
N LEU C 154 18.55 2.61 -2.73
CA LEU C 154 18.58 2.22 -4.13
C LEU C 154 19.38 3.24 -4.95
N PHE C 155 19.28 4.53 -4.58
CA PHE C 155 20.11 5.54 -5.26
C PHE C 155 21.59 5.25 -5.04
N MET C 156 21.99 5.02 -3.78
CA MET C 156 23.38 4.76 -3.46
C MET C 156 23.85 3.41 -4.00
N ALA C 157 22.97 2.41 -4.05
CA ALA C 157 23.34 1.13 -4.64
C ALA C 157 23.62 1.26 -6.12
N LEU C 158 22.82 2.06 -6.83
CA LEU C 158 23.08 2.30 -8.24
C LEU C 158 24.34 3.15 -8.45
N ALA C 159 24.56 4.13 -7.55
CA ALA C 159 25.74 4.98 -7.70
C ALA C 159 27.02 4.22 -7.37
N GLU C 160 26.97 3.33 -6.36
CA GLU C 160 28.15 2.58 -5.98
C GLU C 160 28.64 1.69 -7.13
N THR C 161 27.70 0.97 -7.76
CA THR C 161 28.05 0.18 -8.93
C THR C 161 28.63 1.07 -10.03
N THR C 162 27.99 2.22 -10.29
CA THR C 162 28.53 3.14 -11.28
C THR C 162 29.97 3.52 -10.96
N MET C 163 30.24 3.88 -9.70
CA MET C 163 31.61 4.24 -9.29
C MET C 163 32.56 3.05 -9.46
N ASP C 164 32.11 1.85 -9.08
CA ASP C 164 32.99 0.69 -9.12
C ASP C 164 33.38 0.36 -10.55
N PHE C 165 32.44 0.44 -11.49
CA PHE C 165 32.78 0.11 -12.87
C PHE C 165 33.55 1.23 -13.54
N ALA C 166 33.24 2.49 -13.18
CA ALA C 166 33.99 3.62 -13.71
C ALA C 166 35.46 3.56 -13.31
N ALA C 167 35.74 3.30 -12.03
CA ALA C 167 37.12 3.28 -11.58
C ALA C 167 37.86 2.06 -12.11
N ARG C 168 37.16 0.93 -12.23
CA ARG C 168 37.83 -0.31 -12.61
C ARG C 168 38.01 -0.42 -14.12
N ASP C 169 37.19 0.28 -14.91
CA ASP C 169 37.30 0.29 -16.36
C ASP C 169 37.17 1.73 -16.84
N PRO C 170 38.24 2.52 -16.71
CA PRO C 170 38.15 3.96 -17.06
C PRO C 170 37.83 4.24 -18.52
N ALA C 171 38.13 3.32 -19.44
CA ALA C 171 37.89 3.56 -20.86
C ALA C 171 36.41 3.81 -21.16
N ARG C 172 35.51 3.07 -20.50
CA ARG C 172 34.07 3.17 -20.73
C ARG C 172 33.30 3.78 -19.57
N ALA C 173 34.00 4.47 -18.68
CA ALA C 173 33.37 4.96 -17.46
C ALA C 173 32.34 6.05 -17.74
N GLY C 174 32.47 6.77 -18.85
CA GLY C 174 31.46 7.76 -19.22
C GLY C 174 30.15 7.11 -19.61
N GLU C 175 30.22 5.93 -20.21
CA GLU C 175 29.03 5.13 -20.44
C GLU C 175 28.44 4.63 -19.12
N TYR C 176 29.31 4.31 -18.15
CA TYR C 176 28.82 3.83 -16.86
C TYR C 176 28.07 4.92 -16.10
N ILE C 177 28.62 6.15 -16.06
CA ILE C 177 27.90 7.26 -15.44
C ILE C 177 26.54 7.47 -16.10
N ALA C 178 26.54 7.56 -17.44
CA ALA C 178 25.31 7.83 -18.19
C ALA C 178 24.32 6.67 -18.06
N LEU C 179 24.81 5.43 -18.22
CA LEU C 179 23.91 4.30 -18.07
C LEU C 179 23.41 4.17 -16.64
N GLY C 180 24.30 4.40 -15.66
CA GLY C 180 23.87 4.42 -14.28
C GLY C 180 22.82 5.48 -14.02
N PHE C 181 23.04 6.70 -14.53
CA PHE C 181 22.12 7.79 -14.28
C PHE C 181 20.74 7.47 -14.85
N GLU C 182 20.71 6.98 -16.09
CA GLU C 182 19.43 6.68 -16.74
C GLU C 182 18.68 5.59 -16.00
N ALA C 183 19.39 4.56 -15.54
CA ALA C 183 18.75 3.49 -14.78
C ALA C 183 18.16 4.04 -13.48
N MET C 184 18.91 4.92 -12.80
CA MET C 184 18.41 5.51 -11.56
C MET C 184 17.20 6.40 -11.84
N TRP C 185 17.22 7.11 -12.97
CA TRP C 185 16.11 8.00 -13.35
C TRP C 185 14.83 7.20 -13.56
N ARG C 186 14.91 6.09 -14.29
CA ARG C 186 13.72 5.28 -14.50
C ARG C 186 13.24 4.63 -13.21
N ALA C 187 14.16 4.23 -12.33
CA ALA C 187 13.78 3.48 -11.13
C ALA C 187 13.13 4.36 -10.05
N LEU C 188 13.52 5.62 -9.95
CA LEU C 188 13.13 6.42 -8.79
C LEU C 188 12.24 7.61 -9.09
N THR C 189 12.14 8.05 -10.35
CA THR C 189 11.46 9.30 -10.67
C THR C 189 10.13 9.05 -11.38
N ARG C 190 9.27 10.07 -11.30
CA ARG C 190 7.92 9.98 -11.83
C ARG C 190 7.88 10.34 -13.32
N LYS D 9 37.56 -34.42 -0.21
CA LYS D 9 36.34 -33.64 0.03
C LYS D 9 36.55 -32.17 -0.32
N LYS D 10 36.17 -31.79 -1.54
CA LYS D 10 36.31 -30.41 -1.96
C LYS D 10 35.19 -29.50 -1.44
N GLN D 11 34.21 -30.05 -0.73
CA GLN D 11 33.22 -29.18 -0.09
C GLN D 11 33.88 -28.31 0.98
N ALA D 12 34.97 -28.78 1.58
CA ALA D 12 35.70 -27.97 2.56
C ALA D 12 36.44 -26.84 1.88
N LEU D 13 36.87 -27.03 0.63
CA LEU D 13 37.50 -25.99 -0.17
C LEU D 13 36.60 -24.76 -0.32
N LEU D 14 35.30 -24.94 -0.14
CA LEU D 14 34.29 -23.96 -0.51
C LEU D 14 33.43 -23.50 0.67
N GLU D 15 32.91 -24.43 1.47
CA GLU D 15 32.03 -24.05 2.57
C GLU D 15 32.77 -23.27 3.64
N ALA D 16 34.03 -23.65 3.92
CA ALA D 16 34.81 -22.92 4.90
C ALA D 16 35.31 -21.60 4.32
N ALA D 17 35.76 -21.61 3.06
CA ALA D 17 36.19 -20.37 2.43
C ALA D 17 35.05 -19.38 2.28
N THR D 18 33.83 -19.87 2.04
CA THR D 18 32.67 -18.98 1.97
C THR D 18 32.48 -18.23 3.27
N GLN D 19 32.63 -18.93 4.41
CA GLN D 19 32.48 -18.29 5.71
C GLN D 19 33.58 -17.26 5.95
N ALA D 20 34.82 -17.60 5.58
CA ALA D 20 35.93 -16.67 5.82
C ALA D 20 35.89 -15.50 4.84
N ILE D 21 35.64 -15.77 3.56
CA ILE D 21 35.61 -14.70 2.56
C ILE D 21 34.44 -13.76 2.78
N ALA D 22 33.42 -14.20 3.52
CA ALA D 22 32.32 -13.30 3.87
C ALA D 22 32.69 -12.41 5.06
N GLN D 23 33.54 -12.90 5.96
CA GLN D 23 33.89 -12.13 7.16
C GLN D 23 34.99 -11.12 6.89
N SER D 24 36.01 -11.49 6.13
CA SER D 24 37.17 -10.62 5.93
C SER D 24 37.54 -10.47 4.47
N GLY D 25 36.60 -10.72 3.55
CA GLY D 25 36.90 -10.55 2.14
C GLY D 25 37.87 -11.62 1.62
N ILE D 26 38.46 -11.31 0.47
CA ILE D 26 39.38 -12.24 -0.19
C ILE D 26 40.71 -12.37 0.52
N ALA D 27 41.02 -11.47 1.45
CA ALA D 27 42.29 -11.48 2.16
C ALA D 27 42.33 -12.49 3.30
N ALA D 28 41.36 -13.41 3.37
CA ALA D 28 41.37 -14.43 4.41
C ALA D 28 42.54 -15.40 4.20
N SER D 29 42.99 -16.00 5.28
CA SER D 29 44.13 -16.91 5.24
C SER D 29 43.66 -18.34 5.10
N THR D 30 44.37 -19.10 4.24
CA THR D 30 43.99 -20.50 4.03
C THR D 30 44.12 -21.33 5.30
N ALA D 31 45.04 -20.94 6.19
CA ALA D 31 45.20 -21.67 7.44
C ALA D 31 43.95 -21.56 8.32
N VAL D 32 43.30 -20.40 8.30
CA VAL D 32 42.14 -20.17 9.16
C VAL D 32 41.04 -21.18 8.86
N ILE D 33 40.74 -21.38 7.58
CA ILE D 33 39.68 -22.31 7.20
C ILE D 33 40.19 -23.72 6.96
N ALA D 34 41.50 -23.91 6.83
CA ALA D 34 42.05 -25.25 6.95
C ALA D 34 41.80 -25.81 8.35
N ARG D 35 41.80 -24.94 9.37
CA ARG D 35 41.43 -25.35 10.71
C ARG D 35 39.96 -25.72 10.78
N ASN D 36 39.08 -24.80 10.36
CA ASN D 36 37.64 -25.00 10.51
C ASN D 36 37.11 -26.10 9.62
N ALA D 37 37.87 -26.52 8.61
CA ALA D 37 37.49 -27.66 7.79
C ALA D 37 38.05 -28.98 8.32
N GLY D 38 39.12 -28.94 9.11
CA GLY D 38 39.74 -30.14 9.63
C GLY D 38 40.84 -30.72 8.79
N VAL D 39 41.06 -30.21 7.57
CA VAL D 39 42.13 -30.65 6.69
C VAL D 39 43.21 -29.59 6.71
N ALA D 40 44.45 -30.01 6.94
CA ALA D 40 45.56 -29.10 7.16
C ALA D 40 45.78 -28.19 5.95
N GLU D 41 46.59 -27.16 6.16
CA GLU D 41 46.79 -26.13 5.14
C GLU D 41 47.27 -26.73 3.82
N GLY D 42 48.43 -27.42 3.87
CA GLY D 42 49.04 -27.93 2.64
C GLY D 42 48.08 -28.72 1.77
N THR D 43 47.18 -29.49 2.40
CA THR D 43 46.17 -30.22 1.64
C THR D 43 45.37 -29.31 0.73
N LEU D 44 44.99 -28.12 1.21
CA LEU D 44 44.20 -27.21 0.39
C LEU D 44 44.99 -26.65 -0.78
N PHE D 45 46.30 -26.41 -0.59
CA PHE D 45 47.11 -25.97 -1.71
C PHE D 45 47.34 -27.09 -2.72
N ARG D 46 47.32 -28.35 -2.26
CA ARG D 46 47.41 -29.46 -3.20
C ARG D 46 46.29 -29.41 -4.22
N TYR D 47 45.10 -28.97 -3.80
CA TYR D 47 43.97 -28.88 -4.72
C TYR D 47 44.06 -27.63 -5.57
N PHE D 48 44.53 -26.52 -4.99
CA PHE D 48 44.71 -25.28 -5.72
C PHE D 48 45.67 -24.40 -4.92
N ALA D 49 46.95 -24.42 -5.29
CA ALA D 49 47.93 -23.59 -4.59
C ALA D 49 47.67 -22.11 -4.83
N THR D 50 47.29 -21.74 -6.05
CA THR D 50 46.96 -20.36 -6.37
C THR D 50 45.84 -20.30 -7.41
N LEU D 58 35.71 -20.23 -6.09
CA LEU D 58 34.45 -20.49 -5.41
C LEU D 58 33.28 -19.80 -6.12
N TYR D 59 33.61 -18.87 -7.02
CA TYR D 59 32.58 -18.22 -7.83
C TYR D 59 31.61 -19.24 -8.41
N LEU D 60 32.16 -20.26 -9.07
CA LEU D 60 31.37 -21.14 -9.93
C LEU D 60 30.44 -22.03 -9.11
N HIS D 61 30.93 -22.59 -8.01
CA HIS D 61 30.03 -23.36 -7.15
C HIS D 61 29.01 -22.46 -6.48
N LEU D 62 29.36 -21.18 -6.29
CA LEU D 62 28.38 -20.21 -5.82
C LEU D 62 27.43 -19.80 -6.94
N THR D 63 27.90 -19.75 -8.20
CA THR D 63 26.98 -19.57 -9.32
C THR D 63 25.95 -20.69 -9.35
N HIS D 64 26.40 -21.93 -9.12
CA HIS D 64 25.52 -23.08 -9.22
C HIS D 64 24.46 -23.08 -8.12
N ASP D 65 24.89 -22.93 -6.87
CA ASP D 65 23.95 -22.99 -5.76
C ASP D 65 22.91 -21.88 -5.85
N MET D 66 23.31 -20.69 -6.30
CA MET D 66 22.36 -19.60 -6.44
C MET D 66 21.41 -19.84 -7.59
N CYS D 67 21.92 -20.31 -8.73
CA CYS D 67 21.10 -20.52 -9.92
C CYS D 67 20.21 -21.74 -9.78
N GLN D 68 20.57 -22.72 -8.95
CA GLN D 68 19.67 -23.88 -8.72
C GLN D 68 18.45 -23.41 -7.95
N SER D 69 18.63 -22.50 -7.02
CA SER D 69 17.52 -21.93 -6.21
C SER D 69 16.57 -21.16 -7.14
N LEU D 70 17.13 -20.40 -8.08
CA LEU D 70 16.33 -19.61 -9.02
C LEU D 70 15.45 -20.53 -9.89
N ILE D 71 16.04 -21.51 -10.56
CA ILE D 71 15.28 -22.34 -11.51
C ILE D 71 14.30 -23.27 -10.78
N MET D 72 14.66 -23.71 -9.58
CA MET D 72 13.81 -24.70 -8.89
C MET D 72 12.46 -24.11 -8.51
N GLU D 73 12.43 -22.87 -8.06
CA GLU D 73 11.16 -22.28 -7.58
C GLU D 73 10.42 -21.58 -8.73
N LEU D 74 10.99 -21.59 -9.92
CA LEU D 74 10.37 -20.87 -11.04
C LEU D 74 9.12 -21.61 -11.53
N ASP D 75 7.98 -20.92 -11.49
CA ASP D 75 6.73 -21.51 -12.01
C ASP D 75 6.78 -21.43 -13.53
N ARG D 76 7.17 -22.55 -14.14
CA ARG D 76 7.36 -22.61 -15.59
C ARG D 76 6.05 -22.48 -16.35
N SER D 77 4.90 -22.56 -15.69
CA SER D 77 3.64 -22.28 -16.35
C SER D 77 3.45 -20.78 -16.60
N ILE D 78 4.26 -19.94 -15.94
CA ILE D 78 4.18 -18.51 -16.16
C ILE D 78 4.73 -18.17 -17.54
N THR D 79 3.93 -17.43 -18.31
CA THR D 79 4.35 -16.99 -19.63
C THR D 79 4.62 -15.50 -19.71
N ASP D 80 4.09 -14.71 -18.78
CA ASP D 80 4.35 -13.27 -18.79
C ASP D 80 5.78 -12.99 -18.38
N ALA D 81 6.50 -12.24 -19.21
CA ALA D 81 7.92 -11.99 -18.98
C ALA D 81 8.15 -11.27 -17.66
N LYS D 82 7.30 -10.30 -17.33
CA LYS D 82 7.48 -9.54 -16.10
C LYS D 82 7.15 -10.39 -14.88
N MET D 83 6.06 -11.15 -14.93
CA MET D 83 5.72 -12.03 -13.83
C MET D 83 6.79 -13.10 -13.65
N MET D 84 7.30 -13.65 -14.75
CA MET D 84 8.37 -14.64 -14.68
C MET D 84 9.61 -14.05 -14.02
N THR D 85 9.97 -12.82 -14.38
CA THR D 85 11.12 -12.18 -13.76
C THR D 85 10.86 -11.86 -12.28
N ARG D 86 9.60 -11.65 -11.90
CA ARG D 86 9.29 -11.39 -10.50
C ARG D 86 9.55 -12.62 -9.66
N PHE D 87 9.31 -13.81 -10.22
CA PHE D 87 9.72 -15.06 -9.57
C PHE D 87 11.22 -15.09 -9.35
N ILE D 88 11.98 -14.92 -10.44
CA ILE D 88 13.43 -14.92 -10.38
C ILE D 88 13.92 -13.97 -9.30
N TRP D 89 13.28 -12.82 -9.18
CA TRP D 89 13.69 -11.79 -8.23
C TRP D 89 13.45 -12.20 -6.83
N ASN D 90 12.30 -12.78 -6.64
CA ASN D 90 11.92 -13.25 -5.39
C ASN D 90 12.81 -14.36 -4.96
N SER D 91 13.15 -15.26 -5.84
CA SER D 91 14.06 -16.29 -5.48
C SER D 91 15.42 -15.78 -5.19
N TYR D 92 15.86 -14.76 -5.89
CA TYR D 92 17.21 -14.26 -5.64
C TYR D 92 17.30 -13.57 -4.28
N ILE D 93 16.28 -12.79 -3.92
CA ILE D 93 16.24 -12.19 -2.60
C ILE D 93 16.18 -13.27 -1.54
N SER D 94 15.38 -14.32 -1.80
CA SER D 94 15.26 -15.43 -0.87
C SER D 94 16.61 -16.10 -0.64
N TRP D 95 17.30 -16.46 -1.72
CA TRP D 95 18.59 -17.11 -1.60
C TRP D 95 19.56 -16.26 -0.80
N GLY D 96 19.60 -14.95 -1.08
CA GLY D 96 20.50 -14.08 -0.35
C GLY D 96 20.15 -13.95 1.12
N LEU D 97 18.85 -13.89 1.42
CA LEU D 97 18.41 -13.76 2.80
C LEU D 97 18.70 -15.02 3.60
N ASN D 98 18.52 -16.19 3.00
CA ASN D 98 18.73 -17.45 3.72
C ASN D 98 20.20 -17.83 3.77
N HIS D 99 21.00 -17.39 2.80
CA HIS D 99 22.44 -17.66 2.76
C HIS D 99 23.18 -16.32 2.73
N PRO D 100 23.20 -15.59 3.85
CA PRO D 100 23.86 -14.29 3.84
C PRO D 100 25.35 -14.41 3.65
N ALA D 101 25.98 -15.45 4.20
CA ALA D 101 27.40 -15.64 4.01
C ALA D 101 27.73 -16.00 2.57
N ARG D 102 26.82 -16.70 1.89
CA ARG D 102 27.04 -17.09 0.51
C ARG D 102 26.77 -15.96 -0.48
N HIS D 103 25.92 -15.00 -0.11
CA HIS D 103 25.62 -13.90 -1.03
C HIS D 103 26.78 -12.91 -1.12
N ARG D 104 27.36 -12.52 0.01
CA ARG D 104 28.42 -11.52 0.02
C ARG D 104 29.78 -12.07 -0.41
N ALA D 105 29.85 -13.35 -0.80
CA ALA D 105 31.09 -13.90 -1.34
C ALA D 105 31.16 -13.77 -2.86
N ILE D 106 30.04 -14.00 -3.57
CA ILE D 106 30.00 -13.69 -4.99
C ILE D 106 30.16 -12.19 -5.19
N ARG D 107 29.48 -11.39 -4.37
CA ARG D 107 29.58 -9.93 -4.49
C ARG D 107 31.02 -9.47 -4.31
N GLN D 108 31.73 -10.04 -3.34
CA GLN D 108 33.12 -9.65 -3.10
C GLN D 108 34.02 -9.96 -4.29
N LEU D 109 33.58 -10.80 -5.22
CA LEU D 109 34.36 -11.11 -6.42
C LEU D 109 33.49 -11.08 -7.67
N ALA D 110 32.40 -10.29 -7.65
CA ALA D 110 31.52 -10.21 -8.80
C ALA D 110 32.11 -9.36 -9.92
N VAL D 111 32.72 -8.22 -9.56
CA VAL D 111 33.34 -7.35 -10.56
C VAL D 111 34.74 -7.78 -10.94
N SER D 112 35.28 -8.82 -10.28
CA SER D 112 36.60 -9.31 -10.60
C SER D 112 36.59 -10.10 -11.90
N LYS D 117 38.32 -13.53 -16.59
CA LYS D 117 36.90 -13.82 -16.55
C LYS D 117 36.54 -14.84 -17.63
N GLU D 118 37.41 -15.86 -17.79
CA GLU D 118 37.09 -16.99 -18.66
C GLU D 118 35.76 -17.62 -18.30
N THR D 119 35.41 -17.59 -17.01
CA THR D 119 34.19 -18.22 -16.52
C THR D 119 32.94 -17.58 -17.11
N ARG D 120 32.98 -16.26 -17.34
CA ARG D 120 31.81 -15.44 -17.66
C ARG D 120 30.83 -16.11 -18.59
N GLN D 121 31.29 -16.52 -19.77
CA GLN D 121 30.38 -17.11 -20.77
C GLN D 121 29.85 -18.48 -20.33
N ARG D 122 30.55 -19.18 -19.44
CA ARG D 122 30.15 -20.50 -19.00
C ARG D 122 29.31 -20.50 -17.73
N ALA D 123 29.59 -19.60 -16.78
CA ALA D 123 28.75 -19.50 -15.59
C ALA D 123 27.32 -19.16 -15.96
N ARG D 124 27.15 -18.23 -16.91
CA ARG D 124 25.82 -17.95 -17.42
C ARG D 124 25.23 -19.15 -18.15
N ASP D 125 26.07 -19.91 -18.84
CA ASP D 125 25.61 -21.04 -19.62
C ASP D 125 25.63 -22.36 -18.86
N MET D 126 26.06 -22.36 -17.59
CA MET D 126 25.95 -23.57 -16.78
C MET D 126 24.49 -23.96 -16.58
N PHE D 127 23.63 -22.98 -16.43
CA PHE D 127 22.19 -23.15 -16.45
C PHE D 127 21.68 -22.45 -17.70
N PRO D 128 21.80 -23.09 -18.87
CA PRO D 128 21.54 -22.35 -20.12
C PRO D 128 20.11 -21.87 -20.25
N GLU D 129 19.13 -22.70 -19.90
CA GLU D 129 17.73 -22.29 -19.99
C GLU D 129 17.50 -20.99 -19.25
N LEU D 130 18.16 -20.83 -18.10
CA LEU D 130 17.97 -19.64 -17.28
C LEU D 130 18.66 -18.43 -17.89
N ARG D 131 19.88 -18.62 -18.41
CA ARG D 131 20.62 -17.53 -19.07
C ARG D 131 19.70 -16.71 -19.94
N ASP D 132 18.88 -17.36 -20.75
CA ASP D 132 17.91 -16.64 -21.58
C ASP D 132 16.85 -15.97 -20.71
N LEU D 133 16.15 -16.75 -19.88
CA LEU D 133 15.03 -16.24 -19.10
C LEU D 133 15.39 -15.00 -18.30
N CYS D 134 16.61 -14.93 -17.77
CA CYS D 134 17.03 -13.77 -17.00
C CYS D 134 17.50 -12.62 -17.87
N TYR D 135 17.89 -12.88 -19.12
CA TYR D 135 18.30 -11.85 -20.06
C TYR D 135 17.23 -11.52 -21.08
N ARG D 136 16.06 -12.14 -21.00
CA ARG D 136 15.07 -11.99 -22.07
C ARG D 136 14.56 -10.55 -22.17
N SER D 137 14.25 -9.91 -21.05
CA SER D 137 13.49 -8.66 -21.05
C SER D 137 14.35 -7.42 -20.89
N LEU D 138 15.67 -7.57 -20.79
CA LEU D 138 16.54 -6.44 -20.50
C LEU D 138 16.72 -5.53 -21.71
N LEU D 139 17.08 -4.28 -21.42
CA LEU D 139 17.53 -3.38 -22.48
C LEU D 139 18.76 -3.95 -23.17
N MET D 140 18.82 -3.77 -24.50
CA MET D 140 19.83 -4.47 -25.30
C MET D 140 21.25 -4.05 -24.94
N VAL D 141 21.44 -2.84 -24.41
CA VAL D 141 22.77 -2.43 -24.00
C VAL D 141 23.28 -3.30 -22.85
N PHE D 142 22.36 -3.83 -22.04
CA PHE D 142 22.74 -4.68 -20.91
C PHE D 142 22.94 -6.13 -21.32
N MET D 143 22.72 -6.47 -22.60
CA MET D 143 23.10 -7.77 -23.12
C MET D 143 24.42 -7.72 -23.88
N SER D 144 24.91 -6.53 -24.20
CA SER D 144 26.20 -6.38 -24.84
C SER D 144 27.31 -6.96 -23.98
N ASP D 145 28.36 -7.46 -24.64
CA ASP D 145 29.54 -7.91 -23.91
C ASP D 145 30.17 -6.77 -23.12
N GLU D 146 29.96 -5.53 -23.55
CA GLU D 146 30.62 -4.40 -22.91
C GLU D 146 29.98 -4.08 -21.56
N TYR D 147 28.65 -4.13 -21.49
CA TYR D 147 27.94 -3.67 -20.30
C TYR D 147 27.10 -4.78 -19.65
N ARG D 148 27.28 -6.03 -20.04
CA ARG D 148 26.57 -7.13 -19.38
C ARG D 148 26.91 -7.19 -17.91
N ALA D 149 28.21 -7.17 -17.58
CA ALA D 149 28.62 -7.14 -16.18
C ALA D 149 28.00 -5.95 -15.46
N PHE D 150 27.92 -4.79 -16.14
CA PHE D 150 27.32 -3.61 -15.52
C PHE D 150 25.85 -3.85 -15.18
N GLY D 151 25.08 -4.33 -16.17
CA GLY D 151 23.68 -4.65 -15.91
C GLY D 151 23.51 -5.70 -14.83
N ASP D 152 24.44 -6.66 -14.75
CA ASP D 152 24.43 -7.62 -13.65
C ASP D 152 24.71 -6.93 -12.32
N GLY D 153 25.68 -6.00 -12.31
CA GLY D 153 26.02 -5.31 -11.09
C GLY D 153 24.89 -4.42 -10.58
N LEU D 154 24.20 -3.72 -11.49
CA LEU D 154 23.05 -2.92 -11.09
C LEU D 154 21.96 -3.78 -10.46
N PHE D 155 21.65 -4.91 -11.11
CA PHE D 155 20.69 -5.86 -10.56
C PHE D 155 21.09 -6.30 -9.16
N MET D 156 22.34 -6.75 -8.99
CA MET D 156 22.80 -7.28 -7.71
C MET D 156 22.84 -6.20 -6.64
N ALA D 157 23.13 -4.96 -7.02
CA ALA D 157 23.15 -3.88 -6.03
C ALA D 157 21.75 -3.55 -5.57
N LEU D 158 20.78 -3.56 -6.49
CA LEU D 158 19.39 -3.31 -6.11
C LEU D 158 18.81 -4.46 -5.31
N ALA D 159 19.26 -5.69 -5.56
CA ALA D 159 18.77 -6.82 -4.78
C ALA D 159 19.40 -6.87 -3.40
N GLU D 160 20.71 -6.62 -3.33
CA GLU D 160 21.41 -6.55 -2.07
C GLU D 160 20.75 -5.54 -1.13
N THR D 161 20.49 -4.33 -1.64
CA THR D 161 19.77 -3.33 -0.87
C THR D 161 18.39 -3.82 -0.46
N THR D 162 17.70 -4.51 -1.36
CA THR D 162 16.40 -5.07 -1.02
C THR D 162 16.51 -6.11 0.10
N MET D 163 17.60 -6.89 0.11
CA MET D 163 17.80 -7.86 1.19
C MET D 163 18.04 -7.16 2.52
N ASP D 164 18.92 -6.17 2.53
CA ASP D 164 19.31 -5.50 3.78
C ASP D 164 18.10 -4.91 4.49
N PHE D 165 17.27 -4.15 3.77
CA PHE D 165 16.10 -3.55 4.38
C PHE D 165 15.08 -4.60 4.78
N ALA D 166 14.94 -5.68 4.00
CA ALA D 166 13.94 -6.70 4.32
C ALA D 166 14.32 -7.44 5.60
N ALA D 167 15.62 -7.69 5.80
CA ALA D 167 16.05 -8.44 6.98
C ALA D 167 15.95 -7.58 8.24
N ARG D 168 16.32 -6.30 8.14
CA ARG D 168 16.22 -5.39 9.28
C ARG D 168 14.79 -4.97 9.57
N ASP D 169 13.86 -5.18 8.63
CA ASP D 169 12.45 -4.83 8.82
C ASP D 169 11.57 -5.91 8.21
N PRO D 170 11.47 -7.06 8.87
CA PRO D 170 10.68 -8.18 8.29
C PRO D 170 9.21 -7.87 8.08
N ALA D 171 8.61 -7.00 8.89
CA ALA D 171 7.19 -6.67 8.71
C ALA D 171 6.95 -5.98 7.37
N ARG D 172 7.88 -5.12 6.95
CA ARG D 172 7.77 -4.43 5.68
C ARG D 172 8.56 -5.12 4.57
N ALA D 173 9.08 -6.32 4.83
CA ALA D 173 9.90 -7.01 3.85
C ALA D 173 9.15 -7.26 2.55
N GLY D 174 7.84 -7.51 2.63
CA GLY D 174 7.06 -7.77 1.44
C GLY D 174 6.88 -6.56 0.55
N GLU D 175 6.93 -5.36 1.14
CA GLU D 175 6.86 -4.15 0.33
C GLU D 175 8.23 -3.79 -0.26
N TYR D 176 9.30 -3.97 0.53
CA TYR D 176 10.64 -3.73 0.02
C TYR D 176 10.91 -4.59 -1.22
N ILE D 177 10.44 -5.84 -1.20
CA ILE D 177 10.68 -6.74 -2.32
C ILE D 177 9.89 -6.30 -3.54
N ALA D 178 8.63 -5.90 -3.33
CA ALA D 178 7.81 -5.38 -4.42
C ALA D 178 8.39 -4.08 -4.97
N LEU D 179 8.65 -3.10 -4.09
CA LEU D 179 9.22 -1.84 -4.53
C LEU D 179 10.57 -2.05 -5.22
N GLY D 180 11.42 -2.89 -4.62
CA GLY D 180 12.69 -3.20 -5.24
C GLY D 180 12.53 -3.77 -6.63
N PHE D 181 11.59 -4.70 -6.80
CA PHE D 181 11.42 -5.34 -8.10
C PHE D 181 11.00 -4.33 -9.16
N GLU D 182 9.97 -3.52 -8.86
CA GLU D 182 9.53 -2.50 -9.79
C GLU D 182 10.65 -1.52 -10.12
N ALA D 183 11.44 -1.12 -9.11
CA ALA D 183 12.60 -0.27 -9.36
C ALA D 183 13.57 -0.95 -10.33
N MET D 184 13.89 -2.22 -10.08
CA MET D 184 14.80 -2.95 -10.96
C MET D 184 14.22 -3.06 -12.36
N TRP D 185 12.94 -3.35 -12.47
CA TRP D 185 12.31 -3.56 -13.77
C TRP D 185 12.38 -2.31 -14.64
N ARG D 186 12.09 -1.14 -14.05
CA ARG D 186 12.20 0.10 -14.81
C ARG D 186 13.64 0.42 -15.16
N ALA D 187 14.58 0.10 -14.27
CA ALA D 187 15.98 0.44 -14.51
C ALA D 187 16.57 -0.35 -15.67
N LEU D 188 16.31 -1.66 -15.74
CA LEU D 188 17.05 -2.55 -16.62
C LEU D 188 16.26 -3.10 -17.80
N THR D 189 14.95 -2.85 -17.88
CA THR D 189 14.16 -3.40 -18.98
C THR D 189 13.51 -2.30 -19.82
S SO4 E . -23.69 15.64 -9.23
O1 SO4 E . -24.61 15.40 -10.34
O2 SO4 E . -24.40 16.27 -8.12
O3 SO4 E . -23.12 14.37 -8.79
O4 SO4 E . -22.61 16.53 -9.67
C02 08N F . -11.09 2.25 -5.87
C04 08N F . -10.57 2.54 -3.77
C05 08N F . -9.46 3.07 -4.67
C06 08N F . -8.27 3.67 -4.47
C07 08N F . -7.48 4.06 -5.54
C08 08N F . -7.89 3.85 -6.82
C10 08N F . -7.51 5.18 -8.59
C11 08N F . -9.13 3.22 -7.01
C13 08N F . -10.39 3.86 -8.71
C14 08N F . -9.85 2.87 -5.94
C15 08N F . -11.36 3.47 -2.98
C17 08N F . -13.13 4.48 -4.00
C18 08N F . -11.52 5.86 -3.55
C19 08N F . -10.22 6.11 -2.84
C20 08N F . -9.89 5.14 -1.80
C21 08N F . -10.43 3.89 -1.84
C22 08N F . -10.09 2.98 -0.85
C24 08N F . -10.04 0.82 -0.41
C25 08N F . -9.27 3.33 0.14
C27 08N F . -7.87 3.43 1.68
C29 08N F . -8.74 4.59 0.16
C30 08N F . -9.03 5.49 -0.77
N16 08N F . -11.77 4.50 -3.91
O01 08N F . -11.91 1.98 -6.67
O03 08N F . -11.41 1.98 -4.60
O09 08N F . -7.14 4.19 -7.83
O12 08N F . -9.57 2.97 -8.20
O23 08N F . -10.60 1.85 -0.95
O26 08N F . -8.83 2.69 1.15
O28 08N F . -8.03 4.65 1.17
S SO4 G . -39.24 -7.90 2.20
O1 SO4 G . -38.44 -7.09 3.11
O2 SO4 G . -40.62 -7.45 2.24
O3 SO4 G . -39.16 -9.31 2.60
O4 SO4 G . -38.71 -7.76 0.84
C02 08N H . -29.61 0.20 16.05
C04 08N H . -27.56 -0.88 16.09
C05 08N H . -28.39 -1.32 17.34
C06 08N H . -28.15 -2.20 18.41
C07 08N H . -29.14 -2.40 19.41
C08 08N H . -30.38 -1.74 19.37
C10 08N H . -31.37 -3.20 21.05
C11 08N H . -30.64 -0.84 18.27
C13 08N H . -32.84 -0.71 17.33
C14 08N H . -29.65 -0.65 17.28
C15 08N H . -26.95 -2.00 15.12
C17 08N H . -28.35 -2.46 13.22
C18 08N H . -28.19 -4.22 14.74
C19 08N H . -27.45 -4.76 16.00
C20 08N H . -26.05 -4.15 16.25
C21 08N H . -25.80 -2.83 15.82
C22 08N H . -24.48 -2.28 16.08
C24 08N H . -23.85 -0.04 16.64
C25 08N H . -23.45 -3.03 16.70
C27 08N H . -21.47 -3.96 17.34
C29 08N H . -23.72 -4.35 17.11
C30 08N H . -24.99 -4.91 16.88
N16 08N H . -28.18 -2.75 14.63
O01 08N H . -30.33 1.02 15.54
O03 08N H . -28.44 -0.07 15.35
O09 08N H . -31.35 -1.93 20.36
O12 08N H . -31.85 -0.17 18.19
O23 08N H . -24.22 -1.00 15.67
O26 08N H . -22.13 -2.72 17.04
O28 08N H . -22.55 -4.84 17.70
S SO4 I . 39.01 9.89 2.05
O1 SO4 I . 38.73 10.93 3.05
O2 SO4 I . 37.80 9.14 1.77
O3 SO4 I . 40.03 8.99 2.56
O4 SO4 I . 39.48 10.52 0.82
C02 08N J . 20.08 11.36 1.52
C04 08N J . 19.51 11.13 -0.72
C05 08N J . 19.51 12.66 -0.34
C06 08N J . 19.24 13.84 -1.06
C07 08N J . 19.33 15.10 -0.43
C08 08N J . 19.68 15.22 0.93
C10 08N J . 20.08 17.59 0.75
C11 08N J . 19.95 14.02 1.68
C13 08N J . 21.65 13.90 3.36
C14 08N J . 19.86 12.77 1.03
C15 08N J . 20.46 10.63 -1.90
C17 08N J . 22.60 9.77 -1.21
C18 08N J . 22.71 11.89 -2.21
C19 08N J . 21.91 12.87 -3.14
C20 08N J . 20.69 12.27 -3.88
C21 08N J . 20.01 11.18 -3.30
C22 08N J . 18.86 10.63 -4.02
C24 08N J . 16.77 9.72 -3.21
C25 08N J . 18.44 11.14 -5.26
C27 08N J . 17.58 11.47 -7.35
C29 08N J . 19.15 12.22 -5.82
C30 08N J . 20.25 12.77 -5.16
N16 08N J . 21.85 11.00 -1.39
O01 08N J . 20.36 10.86 2.58
O03 08N J . 19.89 10.49 0.46
O09 08N J . 19.76 16.46 1.56
O12 08N J . 20.29 14.09 3.03
O23 08N J . 18.17 9.57 -3.46
O26 08N J . 17.39 10.77 -6.11
O28 08N J . 18.52 12.52 -7.05
S SO4 K . 25.66 -19.71 4.65
O1 SO4 K . 25.29 -18.41 4.10
O2 SO4 K . 25.45 -19.70 6.10
O3 SO4 K . 27.06 -19.97 4.36
O4 SO4 K . 24.83 -20.74 4.05
C02 08N L . 24.74 -13.25 -13.15
C04 08N L . 22.81 -12.01 -13.46
C05 08N L . 22.65 -13.39 -14.17
C06 08N L . 21.63 -13.99 -14.92
C07 08N L . 21.80 -15.30 -15.46
C08 08N L . 22.97 -16.03 -15.24
C10 08N L . 22.75 -18.42 -14.97
C11 08N L . 24.04 -15.43 -14.48
C13 08N L . 25.40 -16.74 -12.97
C14 08N L . 23.86 -14.13 -13.96
C15 08N L . 21.78 -11.58 -12.31
C17 08N L . 22.54 -12.03 -10.08
C18 08N L . 20.81 -13.43 -10.76
C19 08N L . 19.62 -13.54 -11.77
C20 08N L . 19.28 -12.25 -12.58
C21 08N L . 20.30 -11.32 -12.84
C22 08N L . 19.94 -10.12 -13.61
C24 08N L . 21.06 -8.66 -15.16
C25 08N L . 18.63 -9.89 -14.07
C27 08N L . 16.63 -8.96 -14.64
C29 08N L . 17.63 -10.84 -13.80
C30 08N L . 17.94 -11.99 -13.07
N16 08N L . 21.98 -12.66 -11.25
O01 08N L . 25.86 -13.36 -12.67
O03 08N L . 24.10 -12.04 -12.92
O09 08N L . 23.14 -17.31 -15.77
O12 08N L . 25.22 -16.12 -14.25
O23 08N L . 20.93 -9.19 -13.86
O26 08N L . 18.05 -8.83 -14.80
O28 08N L . 16.45 -10.35 -14.37
#